data_6SIU
#
_entry.id   6SIU
#
_cell.length_a   92.241
_cell.length_b   102.213
_cell.length_c   129.273
_cell.angle_alpha   90.000
_cell.angle_beta   90.000
_cell.angle_gamma   90.000
#
_symmetry.space_group_name_H-M   'P 21 21 21'
#
loop_
_entity.id
_entity.type
_entity.pdbx_description
1 polymer 'Protein adenylyltransferase and cysteine protease IbpA'
2 polymer 'Cell division control protein 42 homolog'
3 non-polymer 'SULFATE ION'
4 non-polymer "GUANOSINE-5'-DIPHOSPHATE"
5 non-polymer GLYCEROL
6 non-polymer '[(2~{R},3~{S},4~{R},5~{R})-5-[4-(acetamidomethyl)-1,2,3-triazol-1-yl]-3,4-bis(oxidanyl)oxolan-2-yl]methyl dihydrogen phosphate'
7 water water
#
loop_
_entity_poly.entity_id
_entity_poly.type
_entity_poly.pdbx_seq_one_letter_code
_entity_poly.pdbx_strand_id
1 'polypeptide(L)'
;GETANKVNYQDLEDNLNLKGLISLEDDRNANFESNVLKNEKFLDEAREISKKSIPEATVKQMSHLPEFDDILTEGAKKVE
SRINKAITFRPSVEEFSEIQDLVKTLPKTKVIEDLSTKTNEITEALAATSKTIQRTPELKEQLKTAIEDFLQNSQGKPLT
VQMIENLNHGLRPDEGEGRLLYKKENLTKENAVFSSPEAAKIQLAETVDFINRAKNEGIEPSVVGALVYQRLIAYHPFAE
GNGRMARVIVNKILLDAGYPAFTKFSDEFEPQICPQTKASTKSATSSEVVVEFLKELAKKGSKEDNEQNLEKTDRT
;
A,B
2 'polypeptide(L)'
;GMQTIKCVVVGDGAVGKTCLLISYTTNKFPSEYVPTVFDNYAVTVMIGGEPYTLGLFDTAGQEDYDRLRPLSYPQTDVFL
VCFSVVSPSSFENVKEKWVPEITHHCPKTPFLLVGTQIDLRDDPSTIEKLAKNKQKPITPETAEKLARDLKAVKYVECSA
LTQKGLKNVFDEAILAALEPPEPKKSRRCVLL
;
C,D
#
# COMPACT_ATOMS: atom_id res chain seq x y z
N LYS A 6 -25.39 3.72 29.19
CA LYS A 6 -24.35 2.74 29.54
C LYS A 6 -24.76 1.97 30.79
N VAL A 7 -23.78 1.29 31.40
CA VAL A 7 -23.99 0.49 32.60
C VAL A 7 -23.08 1.02 33.70
N ASN A 8 -23.58 1.05 34.93
CA ASN A 8 -22.87 1.62 36.06
C ASN A 8 -22.08 0.54 36.79
N TYR A 9 -20.82 0.84 37.09
CA TYR A 9 -19.95 -0.06 37.86
C TYR A 9 -19.53 0.53 39.19
N GLN A 10 -20.08 1.69 39.58
CA GLN A 10 -19.55 2.40 40.74
C GLN A 10 -19.76 1.63 42.03
N ASP A 11 -20.76 0.77 42.10
CA ASP A 11 -21.13 0.07 43.32
C ASP A 11 -20.58 -1.35 43.39
N LEU A 12 -19.88 -1.81 42.36
CA LEU A 12 -19.46 -3.20 42.26
C LEU A 12 -18.09 -3.41 42.90
N GLU A 13 -17.94 -4.55 43.58
CA GLU A 13 -16.65 -4.96 44.11
C GLU A 13 -15.63 -5.15 42.99
N ASP A 14 -14.45 -4.57 43.16
CA ASP A 14 -13.40 -4.66 42.13
C ASP A 14 -12.05 -4.70 42.80
N ASN A 15 -11.41 -5.87 42.78
CA ASN A 15 -10.03 -6.00 43.22
C ASN A 15 -9.10 -6.35 42.07
N LEU A 16 -9.55 -6.15 40.83
CA LEU A 16 -8.76 -6.41 39.64
C LEU A 16 -8.47 -5.15 38.83
N ASN A 17 -8.92 -3.99 39.29
CA ASN A 17 -8.86 -2.74 38.54
C ASN A 17 -9.62 -2.85 37.21
N LEU A 18 -10.69 -3.66 37.21
CA LEU A 18 -11.52 -3.77 36.01
C LEU A 18 -12.15 -2.43 35.65
N LYS A 19 -12.50 -1.61 36.66
CA LYS A 19 -13.01 -0.28 36.38
C LYS A 19 -12.01 0.51 35.54
N GLY A 20 -10.73 0.48 35.92
CA GLY A 20 -9.72 1.14 35.12
C GLY A 20 -9.60 0.54 33.73
N LEU A 21 -9.72 -0.78 33.63
CA LEU A 21 -9.72 -1.44 32.32
C LEU A 21 -10.89 -0.97 31.48
N ILE A 22 -12.09 -0.94 32.06
CA ILE A 22 -13.27 -0.47 31.32
C ILE A 22 -13.08 0.98 30.90
N SER A 23 -12.48 1.81 31.77
CA SER A 23 -12.25 3.20 31.40
C SER A 23 -11.25 3.31 30.25
N LEU A 24 -10.23 2.44 30.22
CA LEU A 24 -9.32 2.43 29.09
C LEU A 24 -10.05 2.09 27.80
N GLU A 25 -10.93 1.09 27.87
CA GLU A 25 -11.68 0.68 26.68
C GLU A 25 -12.67 1.73 26.24
N ASP A 26 -13.27 2.44 27.20
CA ASP A 26 -14.22 3.49 26.85
C ASP A 26 -13.52 4.61 26.09
N ASP A 27 -12.29 4.96 26.49
CA ASP A 27 -11.55 6.02 25.81
C ASP A 27 -11.12 5.59 24.42
N ARG A 28 -10.59 4.37 24.29
CA ARG A 28 -10.21 3.86 22.99
C ARG A 28 -11.40 3.75 22.06
N ASN A 29 -12.51 3.20 22.56
CA ASN A 29 -13.70 3.07 21.75
C ASN A 29 -14.23 4.44 21.32
N ALA A 30 -14.25 5.41 22.23
CA ALA A 30 -14.75 6.73 21.90
C ALA A 30 -13.87 7.44 20.88
N ASN A 31 -12.60 7.05 20.78
CA ASN A 31 -11.69 7.60 19.78
C ASN A 31 -11.48 6.66 18.61
N PHE A 32 -12.19 5.54 18.58
CA PHE A 32 -12.04 4.61 17.47
C PHE A 32 -12.40 5.26 16.15
N GLU A 33 -13.44 6.10 16.14
CA GLU A 33 -13.87 6.70 14.88
C GLU A 33 -12.79 7.63 14.32
N SER A 34 -12.18 8.42 15.18
CA SER A 34 -11.10 9.30 14.73
C SER A 34 -9.84 8.52 14.41
N ASN A 35 -9.50 7.52 15.23
CA ASN A 35 -8.21 6.85 15.08
C ASN A 35 -8.18 5.88 13.92
N VAL A 36 -9.34 5.36 13.51
CA VAL A 36 -9.38 4.34 12.49
C VAL A 36 -10.27 4.77 11.32
N LEU A 37 -11.56 4.95 11.60
CA LEU A 37 -12.52 5.15 10.51
C LEU A 37 -12.27 6.46 9.77
N LYS A 38 -11.84 7.51 10.47
CA LYS A 38 -11.54 8.79 9.85
C LYS A 38 -10.06 8.95 9.51
N ASN A 39 -9.26 7.89 9.65
CA ASN A 39 -7.83 7.97 9.34
C ASN A 39 -7.63 7.87 7.83
N GLU A 40 -6.94 8.87 7.25
CA GLU A 40 -6.86 8.94 5.79
C GLU A 40 -6.02 7.82 5.21
N LYS A 41 -4.98 7.36 5.93
CA LYS A 41 -4.25 6.19 5.46
C LYS A 41 -5.17 4.98 5.38
N PHE A 42 -6.10 4.85 6.33
CA PHE A 42 -7.07 3.77 6.27
C PHE A 42 -8.05 3.98 5.12
N LEU A 43 -8.56 5.20 4.98
CA LEU A 43 -9.52 5.44 3.90
C LEU A 43 -8.87 5.30 2.54
N ASP A 44 -7.64 5.81 2.39
CA ASP A 44 -6.94 5.67 1.12
C ASP A 44 -6.79 4.21 0.73
N GLU A 45 -6.49 3.34 1.70
CA GLU A 45 -6.38 1.91 1.42
C GLU A 45 -7.70 1.36 0.88
N ALA A 46 -8.81 1.71 1.54
CA ALA A 46 -10.12 1.28 1.05
C ALA A 46 -10.43 1.84 -0.32
N ARG A 47 -10.07 3.10 -0.55
CA ARG A 47 -10.32 3.71 -1.86
C ARG A 47 -9.57 2.97 -2.96
N GLU A 48 -8.29 2.68 -2.74
CA GLU A 48 -7.50 2.06 -3.80
C GLU A 48 -7.95 0.64 -4.06
N ILE A 49 -8.20 -0.13 -3.01
CA ILE A 49 -8.67 -1.51 -3.19
C ILE A 49 -10.01 -1.53 -3.91
N SER A 50 -10.95 -0.68 -3.47
CA SER A 50 -12.27 -0.66 -4.08
C SER A 50 -12.19 -0.30 -5.56
N LYS A 51 -11.36 0.70 -5.90
CA LYS A 51 -11.28 1.11 -7.29
C LYS A 51 -10.65 0.05 -8.19
N LYS A 52 -9.83 -0.86 -7.62
CA LYS A 52 -9.21 -1.90 -8.45
C LYS A 52 -10.25 -2.75 -9.16
N SER A 53 -11.44 -2.87 -8.58
CA SER A 53 -12.48 -3.71 -9.13
C SER A 53 -13.48 -2.92 -9.98
N ILE A 54 -13.33 -1.60 -10.07
CA ILE A 54 -14.29 -0.75 -10.77
C ILE A 54 -13.69 -0.35 -12.12
N PRO A 55 -14.41 -0.52 -13.22
CA PRO A 55 -13.89 -0.09 -14.53
C PRO A 55 -13.59 1.40 -14.54
N GLU A 56 -12.56 1.76 -15.33
CA GLU A 56 -12.13 3.15 -15.37
C GLU A 56 -13.24 4.08 -15.86
N ALA A 57 -14.09 3.58 -16.77
CA ALA A 57 -15.21 4.38 -17.22
C ALA A 57 -16.18 4.66 -16.09
N THR A 58 -16.40 3.67 -15.22
CA THR A 58 -17.32 3.87 -14.11
C THR A 58 -16.74 4.82 -13.07
N VAL A 59 -15.42 4.78 -12.87
CA VAL A 59 -14.80 5.70 -11.91
C VAL A 59 -14.95 7.13 -12.35
N LYS A 60 -14.74 7.40 -13.64
CA LYS A 60 -14.87 8.75 -14.16
C LYS A 60 -16.30 9.26 -14.00
N GLN A 61 -17.28 8.40 -14.28
CA GLN A 61 -18.67 8.76 -14.06
C GLN A 61 -18.94 9.00 -12.58
N MET A 62 -18.54 8.06 -11.74
CA MET A 62 -18.80 8.18 -10.31
C MET A 62 -18.01 9.30 -9.64
N SER A 63 -16.92 9.78 -10.24
CA SER A 63 -16.20 10.87 -9.59
C SER A 63 -16.99 12.17 -9.57
N HIS A 64 -18.09 12.25 -10.29
CA HIS A 64 -18.96 13.43 -10.31
C HIS A 64 -20.02 13.37 -9.22
N LEU A 65 -20.14 12.25 -8.53
CA LEU A 65 -21.12 12.10 -7.47
C LEU A 65 -20.42 12.24 -6.13
N PRO A 66 -20.86 13.16 -5.27
CA PRO A 66 -20.18 13.33 -3.98
C PRO A 66 -20.20 12.09 -3.10
N GLU A 67 -21.21 11.24 -3.27
CA GLU A 67 -21.32 10.06 -2.44
C GLU A 67 -20.29 8.99 -2.81
N PHE A 68 -19.56 9.18 -3.91
CA PHE A 68 -18.65 8.15 -4.39
C PHE A 68 -17.63 7.77 -3.32
N ASP A 69 -17.04 8.75 -2.64
CA ASP A 69 -16.01 8.42 -1.67
C ASP A 69 -16.57 7.58 -0.52
N ASP A 70 -17.80 7.85 -0.09
CA ASP A 70 -18.40 7.04 0.96
C ASP A 70 -18.70 5.62 0.48
N ILE A 71 -18.98 5.45 -0.81
CA ILE A 71 -19.22 4.10 -1.33
C ILE A 71 -17.92 3.30 -1.33
N LEU A 72 -16.79 3.96 -1.62
CA LEU A 72 -15.52 3.27 -1.64
C LEU A 72 -15.10 2.80 -0.25
N THR A 73 -15.49 3.52 0.80
CA THR A 73 -15.01 3.24 2.15
C THR A 73 -16.07 2.69 3.09
N GLU A 74 -17.34 2.65 2.68
CA GLU A 74 -18.39 2.18 3.59
C GLU A 74 -18.14 0.74 4.03
N GLY A 75 -17.86 -0.15 3.08
CA GLY A 75 -17.66 -1.55 3.43
C GLY A 75 -16.52 -1.77 4.39
N ALA A 76 -15.38 -1.10 4.15
CA ALA A 76 -14.23 -1.23 5.05
C ALA A 76 -14.54 -0.68 6.43
N LYS A 77 -15.30 0.41 6.51
CA LYS A 77 -15.64 1.00 7.80
C LYS A 77 -16.57 0.10 8.58
N LYS A 78 -17.54 -0.52 7.90
CA LYS A 78 -18.49 -1.39 8.59
C LYS A 78 -17.80 -2.64 9.15
N VAL A 79 -16.75 -3.11 8.49
CA VAL A 79 -16.04 -4.30 8.96
C VAL A 79 -15.25 -3.99 10.21
N GLU A 80 -14.51 -2.87 10.20
CA GLU A 80 -13.75 -2.48 11.38
C GLU A 80 -14.67 -2.18 12.55
N SER A 81 -15.78 -1.47 12.31
CA SER A 81 -16.74 -1.23 13.38
C SER A 81 -17.26 -2.55 13.95
N ARG A 82 -17.56 -3.51 13.07
CA ARG A 82 -17.97 -4.83 13.53
C ARG A 82 -16.89 -5.48 14.38
N ILE A 83 -15.63 -5.35 13.97
CA ILE A 83 -14.53 -5.94 14.74
C ILE A 83 -14.35 -5.22 16.07
N ASN A 84 -14.37 -3.89 16.04
CA ASN A 84 -14.19 -3.14 17.28
C ASN A 84 -15.32 -3.41 18.25
N LYS A 85 -16.54 -3.60 17.74
CA LYS A 85 -17.65 -3.95 18.62
C LYS A 85 -17.43 -5.30 19.29
N ALA A 86 -16.75 -6.22 18.60
CA ALA A 86 -16.53 -7.55 19.15
C ALA A 86 -15.41 -7.58 20.18
N ILE A 87 -14.43 -6.68 20.07
CA ILE A 87 -13.28 -6.70 20.96
C ILE A 87 -13.41 -5.71 22.12
N THR A 88 -14.26 -4.70 22.01
CA THR A 88 -14.35 -3.67 23.04
C THR A 88 -14.91 -4.27 24.33
N PHE A 89 -14.16 -4.11 25.42
CA PHE A 89 -14.51 -4.73 26.68
C PHE A 89 -15.47 -3.83 27.43
N ARG A 90 -16.73 -4.24 27.50
CA ARG A 90 -17.76 -3.50 28.26
C ARG A 90 -18.71 -4.53 28.85
N PRO A 91 -18.36 -5.10 29.99
CA PRO A 91 -19.16 -6.19 30.56
C PRO A 91 -20.38 -5.65 31.29
N SER A 92 -21.38 -6.54 31.43
CA SER A 92 -22.51 -6.24 32.28
C SER A 92 -22.12 -6.39 33.75
N VAL A 93 -23.01 -5.95 34.64
CA VAL A 93 -22.73 -6.08 36.06
C VAL A 93 -22.62 -7.54 36.46
N GLU A 94 -23.34 -8.44 35.77
CA GLU A 94 -23.22 -9.86 36.04
C GLU A 94 -21.88 -10.39 35.56
N GLU A 95 -21.48 -10.03 34.34
CA GLU A 95 -20.17 -10.46 33.84
C GLU A 95 -19.04 -9.84 34.63
N PHE A 96 -19.21 -8.59 35.07
CA PHE A 96 -18.21 -7.94 35.92
C PHE A 96 -17.92 -8.80 37.14
N SER A 97 -18.96 -9.10 37.93
CA SER A 97 -18.77 -9.88 39.15
C SER A 97 -18.25 -11.28 38.86
N GLU A 98 -18.69 -11.88 37.75
CA GLU A 98 -18.23 -13.23 37.42
C GLU A 98 -16.74 -13.25 37.14
N ILE A 99 -16.23 -12.26 36.40
CA ILE A 99 -14.81 -12.19 36.13
C ILE A 99 -14.03 -12.05 37.43
N GLN A 100 -14.55 -11.26 38.38
CA GLN A 100 -13.89 -11.09 39.66
C GLN A 100 -13.70 -12.45 40.35
N ASP A 101 -14.77 -13.25 40.39
CA ASP A 101 -14.68 -14.56 41.03
C ASP A 101 -13.79 -15.51 40.23
N LEU A 102 -13.86 -15.43 38.90
CA LEU A 102 -13.12 -16.37 38.06
C LEU A 102 -11.61 -16.20 38.21
N VAL A 103 -11.13 -14.97 38.40
CA VAL A 103 -9.70 -14.75 38.54
C VAL A 103 -9.17 -15.36 39.83
N LYS A 104 -9.97 -15.37 40.90
CA LYS A 104 -9.52 -15.96 42.15
C LYS A 104 -9.28 -17.46 42.04
N THR A 105 -9.86 -18.11 41.01
CA THR A 105 -9.72 -19.56 40.84
C THR A 105 -8.52 -19.94 40.02
N LEU A 106 -7.73 -18.98 39.56
CA LEU A 106 -6.58 -19.25 38.71
C LEU A 106 -5.38 -19.64 39.57
N PRO A 107 -4.60 -20.64 39.15
CA PRO A 107 -3.38 -20.95 39.88
C PRO A 107 -2.34 -19.87 39.62
N LYS A 108 -1.67 -19.44 40.68
CA LYS A 108 -0.67 -18.38 40.60
C LYS A 108 0.50 -18.76 41.50
N THR A 109 1.66 -19.00 40.89
CA THR A 109 2.85 -19.33 41.63
C THR A 109 3.50 -18.07 42.19
N LYS A 110 3.96 -18.16 43.43
CA LYS A 110 4.58 -17.00 44.08
C LYS A 110 5.88 -16.61 43.39
N VAL A 111 6.77 -17.58 43.19
CA VAL A 111 8.05 -17.32 42.55
C VAL A 111 7.84 -17.24 41.04
N ILE A 112 8.28 -16.14 40.44
CA ILE A 112 8.19 -15.95 39.00
C ILE A 112 9.41 -16.57 38.35
N GLU A 113 9.19 -17.30 37.26
CA GLU A 113 10.26 -18.02 36.58
C GLU A 113 11.28 -17.07 35.99
N ASP A 114 12.48 -17.60 35.73
CA ASP A 114 13.54 -16.82 35.11
C ASP A 114 13.28 -16.73 33.61
N LEU A 115 14.20 -16.07 32.89
CA LEU A 115 14.00 -15.85 31.47
C LEU A 115 14.08 -17.16 30.69
N SER A 116 15.02 -18.03 31.06
CA SER A 116 15.18 -19.30 30.35
C SER A 116 13.98 -20.21 30.58
N THR A 117 13.40 -20.18 31.77
CA THR A 117 12.25 -21.03 32.04
C THR A 117 11.01 -20.51 31.31
N LYS A 118 10.80 -19.20 31.30
CA LYS A 118 9.67 -18.63 30.55
C LYS A 118 9.77 -18.97 29.07
N THR A 119 10.98 -18.96 28.52
CA THR A 119 11.16 -19.32 27.11
C THR A 119 10.68 -20.73 26.84
N ASN A 120 11.04 -21.67 27.71
CA ASN A 120 10.68 -23.07 27.47
C ASN A 120 9.17 -23.28 27.60
N GLU A 121 8.54 -22.64 28.59
CA GLU A 121 7.12 -22.88 28.81
C GLU A 121 6.29 -22.30 27.67
N ILE A 122 6.67 -21.13 27.16
CA ILE A 122 5.98 -20.59 26.00
C ILE A 122 6.25 -21.45 24.78
N THR A 123 7.44 -22.03 24.68
CA THR A 123 7.73 -22.93 23.56
C THR A 123 6.84 -24.16 23.60
N GLU A 124 6.69 -24.76 24.79
CA GLU A 124 5.83 -25.94 24.91
C GLU A 124 4.37 -25.58 24.70
N ALA A 125 3.94 -24.40 25.14
CA ALA A 125 2.56 -23.99 24.91
C ALA A 125 2.25 -23.90 23.42
N LEU A 126 3.22 -23.45 22.63
CA LEU A 126 3.04 -23.47 21.17
C LEU A 126 3.05 -24.89 20.64
N ALA A 127 3.89 -25.76 21.23
CA ALA A 127 4.00 -27.12 20.72
C ALA A 127 2.69 -27.88 20.85
N ALA A 128 1.97 -27.69 21.96
CA ALA A 128 0.72 -28.41 22.15
C ALA A 128 -0.35 -28.02 21.14
N THR A 129 -0.27 -26.81 20.58
CA THR A 129 -1.33 -26.34 19.68
C THR A 129 -1.22 -26.97 18.29
N SER A 130 -0.01 -27.13 17.78
CA SER A 130 0.21 -27.61 16.42
C SER A 130 0.90 -28.95 16.42
N LYS A 131 0.43 -29.86 15.58
CA LYS A 131 1.12 -31.13 15.40
C LYS A 131 2.38 -30.99 14.56
N THR A 132 2.49 -29.93 13.76
CA THR A 132 3.67 -29.75 12.91
C THR A 132 4.90 -29.42 13.74
N ILE A 133 4.76 -28.55 14.73
CA ILE A 133 5.92 -28.15 15.53
C ILE A 133 6.42 -29.32 16.36
N GLN A 134 5.52 -30.21 16.79
CA GLN A 134 5.94 -31.37 17.57
C GLN A 134 6.77 -32.33 16.73
N ARG A 135 6.27 -32.71 15.55
CA ARG A 135 6.95 -33.66 14.69
C ARG A 135 8.23 -33.11 14.08
N THR A 136 8.45 -31.79 14.13
CA THR A 136 9.65 -31.17 13.56
C THR A 136 10.46 -30.52 14.68
N PRO A 137 11.48 -31.19 15.20
CA PRO A 137 12.29 -30.57 16.26
C PRO A 137 13.03 -29.32 15.83
N GLU A 138 13.45 -29.24 14.56
CA GLU A 138 14.19 -28.06 14.11
C GLU A 138 13.30 -26.83 14.12
N LEU A 139 12.05 -26.96 13.66
CA LEU A 139 11.12 -25.84 13.70
C LEU A 139 10.88 -25.38 15.12
N LYS A 140 10.72 -26.33 16.05
CA LYS A 140 10.49 -25.97 17.45
C LYS A 140 11.69 -25.24 18.04
N GLU A 141 12.91 -25.65 17.65
CA GLU A 141 14.09 -24.97 18.16
C GLU A 141 14.18 -23.55 17.63
N GLN A 142 13.74 -23.32 16.40
CA GLN A 142 13.78 -21.98 15.81
C GLN A 142 12.80 -21.04 16.50
N LEU A 143 11.59 -21.53 16.77
CA LEU A 143 10.61 -20.73 17.52
C LEU A 143 11.08 -20.46 18.94
N LYS A 144 11.81 -21.39 19.55
CA LYS A 144 12.33 -21.17 20.89
C LYS A 144 13.31 -19.99 20.91
N THR A 145 14.08 -19.82 19.84
CA THR A 145 15.02 -18.70 19.77
C THR A 145 14.29 -17.38 19.65
N ALA A 146 13.23 -17.34 18.84
CA ALA A 146 12.49 -16.09 18.70
C ALA A 146 11.85 -15.68 20.02
N ILE A 147 11.25 -16.64 20.73
CA ILE A 147 10.65 -16.35 22.03
C ILE A 147 11.72 -15.86 23.00
N GLU A 148 12.87 -16.53 23.03
CA GLU A 148 13.97 -16.07 23.88
C GLU A 148 14.40 -14.66 23.50
N ASP A 149 14.56 -14.39 22.21
CA ASP A 149 14.94 -13.05 21.79
C ASP A 149 13.87 -12.03 22.17
N PHE A 150 12.61 -12.40 22.03
CA PHE A 150 11.53 -11.47 22.38
C PHE A 150 11.49 -11.21 23.88
N LEU A 151 11.70 -12.27 24.68
CA LEU A 151 11.67 -12.09 26.13
C LEU A 151 12.89 -11.31 26.62
N GLN A 152 14.03 -11.42 25.93
CA GLN A 152 15.20 -10.65 26.33
C GLN A 152 15.02 -9.17 26.01
N ASN A 153 14.50 -8.86 24.82
CA ASN A 153 14.35 -7.47 24.41
C ASN A 153 13.15 -6.78 25.07
N SER A 154 12.23 -7.53 25.67
CA SER A 154 11.06 -6.96 26.31
C SER A 154 11.12 -7.03 27.83
N GLN A 155 12.20 -7.53 28.41
CA GLN A 155 12.28 -7.65 29.86
C GLN A 155 12.46 -6.28 30.49
N GLY A 156 11.57 -5.95 31.42
CA GLY A 156 11.67 -4.70 32.17
C GLY A 156 11.62 -3.45 31.32
N LYS A 157 11.14 -3.54 30.09
CA LYS A 157 11.04 -2.40 29.20
C LYS A 157 9.64 -2.33 28.62
N PRO A 158 9.18 -1.13 28.26
CA PRO A 158 7.84 -1.02 27.65
C PRO A 158 7.80 -1.72 26.31
N LEU A 159 6.68 -2.39 26.04
CA LEU A 159 6.51 -3.10 24.78
C LEU A 159 6.41 -2.11 23.62
N THR A 160 6.94 -2.51 22.47
CA THR A 160 6.94 -1.70 21.26
C THR A 160 6.50 -2.55 20.07
N VAL A 161 5.97 -1.87 19.05
CA VAL A 161 5.55 -2.57 17.84
C VAL A 161 6.73 -3.25 17.17
N GLN A 162 7.91 -2.60 17.22
CA GLN A 162 9.12 -3.20 16.65
C GLN A 162 9.46 -4.51 17.32
N MET A 163 9.29 -4.60 18.65
CA MET A 163 9.52 -5.87 19.34
C MET A 163 8.61 -6.95 18.78
N ILE A 164 7.37 -6.59 18.46
CA ILE A 164 6.42 -7.56 17.92
C ILE A 164 6.78 -7.91 16.48
N GLU A 165 7.17 -6.91 15.68
CA GLU A 165 7.59 -7.18 14.32
C GLU A 165 8.73 -8.19 14.28
N ASN A 166 9.74 -7.99 15.14
CA ASN A 166 10.81 -8.97 15.24
C ASN A 166 10.27 -10.33 15.68
N LEU A 167 9.40 -10.33 16.70
CA LEU A 167 8.85 -11.59 17.18
C LEU A 167 8.08 -12.31 16.09
N ASN A 168 7.22 -11.59 15.38
CA ASN A 168 6.45 -12.21 14.30
C ASN A 168 7.38 -12.77 13.24
N HIS A 169 8.38 -12.00 12.84
CA HIS A 169 9.34 -12.49 11.86
C HIS A 169 10.07 -13.72 12.38
N GLY A 170 10.43 -13.72 13.67
CA GLY A 170 11.11 -14.86 14.24
C GLY A 170 10.25 -16.11 14.27
N LEU A 171 8.93 -15.95 14.38
CA LEU A 171 8.01 -17.09 14.38
C LEU A 171 7.62 -17.53 12.98
N ARG A 172 8.26 -16.99 11.94
CA ARG A 172 8.01 -17.39 10.55
C ARG A 172 9.34 -17.77 9.91
N PRO A 173 9.93 -18.89 10.32
CA PRO A 173 11.23 -19.30 9.77
C PRO A 173 11.15 -20.18 8.54
N ASP A 174 9.97 -20.65 8.16
CA ASP A 174 9.80 -21.53 7.01
C ASP A 174 9.26 -20.79 5.79
N GLU A 175 9.41 -19.47 5.75
CA GLU A 175 8.77 -18.66 4.73
C GLU A 175 9.61 -18.53 3.46
N GLY A 176 10.89 -18.23 3.62
CA GLY A 176 11.69 -17.83 2.49
C GLY A 176 11.91 -16.34 2.46
N GLU A 177 12.98 -15.94 1.78
CA GLU A 177 13.40 -14.55 1.84
C GLU A 177 12.49 -13.66 1.01
N GLY A 178 12.45 -12.39 1.39
CA GLY A 178 11.73 -11.40 0.63
C GLY A 178 10.25 -11.33 0.92
N ARG A 179 9.75 -12.13 1.86
CA ARG A 179 8.33 -12.10 2.17
C ARG A 179 7.96 -10.82 2.90
N LEU A 180 6.78 -10.30 2.59
CA LEU A 180 6.27 -9.13 3.29
C LEU A 180 5.99 -9.48 4.74
N LEU A 181 6.31 -8.54 5.62
CA LEU A 181 6.02 -8.75 7.04
C LEU A 181 4.52 -8.67 7.27
N TYR A 182 3.92 -7.51 6.99
CA TYR A 182 2.49 -7.34 7.18
C TYR A 182 1.72 -7.91 6.00
N LYS A 183 0.46 -8.21 6.24
CA LYS A 183 -0.40 -8.68 5.17
C LYS A 183 -0.63 -7.56 4.17
N LYS A 184 -0.82 -7.95 2.91
CA LYS A 184 -1.00 -6.98 1.83
C LYS A 184 -2.46 -6.79 1.45
N GLU A 185 -3.38 -7.57 2.01
CA GLU A 185 -4.79 -7.44 1.67
C GLU A 185 -5.62 -7.97 2.82
N ASN A 186 -6.92 -7.69 2.74
CA ASN A 186 -7.85 -8.28 3.68
C ASN A 186 -7.95 -9.77 3.44
N LEU A 187 -7.76 -10.54 4.51
CA LEU A 187 -7.85 -11.99 4.48
C LEU A 187 -9.08 -12.43 5.26
N THR A 188 -9.55 -13.63 4.95
CA THR A 188 -10.66 -14.24 5.67
C THR A 188 -10.29 -15.68 5.97
N LYS A 189 -10.66 -16.13 7.17
CA LYS A 189 -10.29 -17.44 7.66
C LYS A 189 -11.55 -18.14 8.16
N GLU A 190 -11.96 -19.19 7.44
CA GLU A 190 -13.16 -19.95 7.78
C GLU A 190 -14.34 -19.02 8.02
N ASN A 191 -14.58 -18.13 7.05
CA ASN A 191 -15.69 -17.18 7.03
C ASN A 191 -15.56 -16.08 8.08
N ALA A 192 -14.38 -15.86 8.63
CA ALA A 192 -14.18 -14.79 9.59
C ALA A 192 -13.65 -13.53 8.90
N VAL A 193 -13.87 -12.39 9.53
CA VAL A 193 -13.43 -11.10 9.01
C VAL A 193 -12.26 -10.61 9.84
N PHE A 194 -11.28 -10.02 9.17
CA PHE A 194 -10.12 -9.44 9.83
C PHE A 194 -10.03 -7.97 9.49
N SER A 195 -9.24 -7.25 10.29
CA SER A 195 -9.01 -5.84 10.00
C SER A 195 -8.25 -5.69 8.69
N SER A 196 -8.50 -4.56 8.01
CA SER A 196 -7.70 -4.24 6.84
C SER A 196 -6.24 -4.13 7.25
N PRO A 197 -5.32 -4.21 6.29
CA PRO A 197 -3.90 -4.11 6.64
C PRO A 197 -3.55 -2.83 7.37
N GLU A 198 -4.07 -1.69 6.92
CA GLU A 198 -3.74 -0.44 7.60
C GLU A 198 -4.42 -0.36 8.96
N ALA A 199 -5.71 -0.70 9.03
CA ALA A 199 -6.40 -0.68 10.31
C ALA A 199 -5.79 -1.68 11.30
N ALA A 200 -5.21 -2.77 10.80
CA ALA A 200 -4.58 -3.70 11.72
C ALA A 200 -3.28 -3.14 12.26
N LYS A 201 -2.55 -2.36 11.44
CA LYS A 201 -1.35 -1.68 11.94
C LYS A 201 -1.72 -0.62 12.97
N ILE A 202 -2.70 0.22 12.65
CA ILE A 202 -3.16 1.25 13.57
C ILE A 202 -3.50 0.64 14.92
N GLN A 203 -4.35 -0.39 14.91
CA GLN A 203 -4.83 -0.97 16.16
C GLN A 203 -3.85 -1.95 16.79
N LEU A 204 -2.85 -2.44 16.05
CA LEU A 204 -1.75 -3.14 16.70
C LEU A 204 -1.01 -2.21 17.65
N ALA A 205 -0.72 -0.99 17.20
CA ALA A 205 -0.07 0.00 18.06
C ALA A 205 -0.94 0.36 19.25
N GLU A 206 -2.27 0.46 19.05
CA GLU A 206 -3.16 0.69 20.18
C GLU A 206 -3.10 -0.46 21.18
N THR A 207 -2.96 -1.69 20.68
CA THR A 207 -2.89 -2.83 21.59
C THR A 207 -1.59 -2.81 22.38
N VAL A 208 -0.51 -2.38 21.74
CA VAL A 208 0.77 -2.22 22.45
C VAL A 208 0.63 -1.16 23.54
N ASP A 209 0.10 0.01 23.20
CA ASP A 209 -0.12 1.03 24.22
C ASP A 209 -1.07 0.51 25.30
N PHE A 210 -2.05 -0.29 24.89
CA PHE A 210 -2.97 -0.88 25.85
C PHE A 210 -2.23 -1.81 26.81
N ILE A 211 -1.28 -2.61 26.30
CA ILE A 211 -0.56 -3.54 27.17
C ILE A 211 0.29 -2.78 28.17
N ASN A 212 1.04 -1.78 27.70
CA ASN A 212 1.88 -1.00 28.60
C ASN A 212 1.05 -0.25 29.63
N ARG A 213 -0.02 0.42 29.17
CA ARG A 213 -0.87 1.16 30.09
C ARG A 213 -1.53 0.22 31.10
N ALA A 214 -1.95 -0.97 30.66
CA ALA A 214 -2.59 -1.91 31.57
C ALA A 214 -1.63 -2.39 32.64
N LYS A 215 -0.35 -2.56 32.29
CA LYS A 215 0.61 -2.99 33.29
C LYS A 215 0.89 -1.89 34.30
N ASN A 216 0.97 -0.65 33.85
CA ASN A 216 1.19 0.45 34.77
C ASN A 216 0.00 0.64 35.70
N GLU A 217 -1.22 0.54 35.16
CA GLU A 217 -2.41 0.71 35.96
C GLU A 217 -2.74 -0.50 36.82
N GLY A 218 -1.93 -1.56 36.78
CA GLY A 218 -2.16 -2.71 37.64
C GLY A 218 -3.42 -3.47 37.30
N ILE A 219 -3.81 -3.47 36.06
CA ILE A 219 -5.00 -4.20 35.65
C ILE A 219 -4.65 -5.69 35.58
N GLU A 220 -5.60 -6.53 36.02
CA GLU A 220 -5.45 -7.98 36.09
C GLU A 220 -4.86 -8.55 34.80
N PRO A 221 -3.65 -9.12 34.88
CA PRO A 221 -2.99 -9.59 33.66
C PRO A 221 -3.73 -10.70 32.93
N SER A 222 -4.39 -11.61 33.65
CA SER A 222 -5.14 -12.67 32.99
C SER A 222 -6.28 -12.10 32.14
N VAL A 223 -6.91 -11.02 32.62
CA VAL A 223 -7.94 -10.36 31.82
C VAL A 223 -7.30 -9.61 30.67
N VAL A 224 -6.15 -8.99 30.92
CA VAL A 224 -5.43 -8.27 29.87
C VAL A 224 -5.04 -9.24 28.75
N GLY A 225 -4.48 -10.39 29.13
CA GLY A 225 -4.10 -11.38 28.13
C GLY A 225 -5.27 -11.89 27.32
N ALA A 226 -6.44 -12.03 27.95
CA ALA A 226 -7.61 -12.50 27.22
C ALA A 226 -8.01 -11.51 26.14
N LEU A 227 -8.14 -10.23 26.53
CA LEU A 227 -8.44 -9.18 25.57
C LEU A 227 -7.38 -9.09 24.49
N VAL A 228 -6.11 -9.20 24.87
CA VAL A 228 -5.02 -9.08 23.90
C VAL A 228 -5.05 -10.23 22.91
N TYR A 229 -5.32 -11.45 23.41
CA TYR A 229 -5.47 -12.58 22.50
C TYR A 229 -6.57 -12.32 21.49
N GLN A 230 -7.74 -11.86 21.96
CA GLN A 230 -8.89 -11.73 21.06
C GLN A 230 -8.61 -10.72 19.95
N ARG A 231 -8.08 -9.55 20.29
CA ARG A 231 -7.98 -8.51 19.28
C ARG A 231 -6.82 -8.74 18.33
N LEU A 232 -5.66 -9.19 18.85
CA LEU A 232 -4.56 -9.56 17.97
C LEU A 232 -5.02 -10.57 16.91
N ILE A 233 -5.79 -11.59 17.32
CA ILE A 233 -6.29 -12.55 16.35
C ILE A 233 -7.27 -11.88 15.39
N ALA A 234 -8.13 -11.00 15.91
CA ALA A 234 -9.15 -10.36 15.09
C ALA A 234 -8.53 -9.33 14.15
N TYR A 235 -7.49 -8.64 14.62
CA TYR A 235 -6.78 -7.68 13.79
C TYR A 235 -6.00 -8.39 12.71
N HIS A 236 -5.24 -9.41 13.09
CA HIS A 236 -4.49 -10.24 12.15
C HIS A 236 -3.54 -9.37 11.32
N PRO A 237 -2.63 -8.63 11.96
CA PRO A 237 -1.86 -7.62 11.23
C PRO A 237 -0.87 -8.21 10.24
N PHE A 238 -0.28 -9.37 10.53
CA PHE A 238 0.85 -9.88 9.78
C PHE A 238 0.41 -10.89 8.73
N ALA A 239 1.26 -11.08 7.72
CA ALA A 239 0.93 -12.01 6.65
C ALA A 239 0.84 -13.43 7.18
N GLU A 240 1.71 -13.79 8.12
CA GLU A 240 1.70 -15.12 8.71
C GLU A 240 2.02 -15.00 10.19
N GLY A 241 1.86 -16.12 10.90
CA GLY A 241 2.32 -16.21 12.26
C GLY A 241 1.52 -15.40 13.26
N ASN A 242 0.31 -14.96 12.91
CA ASN A 242 -0.47 -14.18 13.86
C ASN A 242 -0.87 -15.01 15.06
N GLY A 243 -1.23 -16.28 14.84
CA GLY A 243 -1.55 -17.16 15.95
C GLY A 243 -0.38 -17.34 16.89
N ARG A 244 0.76 -17.78 16.37
CA ARG A 244 1.93 -18.00 17.22
C ARG A 244 2.30 -16.73 17.96
N MET A 245 2.28 -15.59 17.28
CA MET A 245 2.72 -14.34 17.89
C MET A 245 1.80 -13.94 19.03
N ALA A 246 0.48 -14.07 18.84
CA ALA A 246 -0.45 -13.70 19.90
C ALA A 246 -0.26 -14.58 21.13
N ARG A 247 -0.05 -15.88 20.92
CA ARG A 247 0.14 -16.79 22.04
C ARG A 247 1.40 -16.44 22.83
N VAL A 248 2.46 -16.04 22.14
CA VAL A 248 3.70 -15.67 22.84
C VAL A 248 3.50 -14.41 23.66
N ILE A 249 2.86 -13.39 23.08
CA ILE A 249 2.66 -12.15 23.82
C ILE A 249 1.75 -12.38 25.02
N VAL A 250 0.66 -13.12 24.83
CA VAL A 250 -0.26 -13.38 25.93
C VAL A 250 0.42 -14.19 27.02
N ASN A 251 1.12 -15.27 26.65
CA ASN A 251 1.79 -16.08 27.67
C ASN A 251 2.86 -15.29 28.40
N LYS A 252 3.49 -14.31 27.75
CA LYS A 252 4.40 -13.44 28.48
C LYS A 252 3.64 -12.66 29.54
N ILE A 253 2.50 -12.06 29.16
CA ILE A 253 1.66 -11.35 30.12
C ILE A 253 1.25 -12.26 31.26
N LEU A 254 0.95 -13.52 30.95
CA LEU A 254 0.53 -14.46 31.99
C LEU A 254 1.70 -14.90 32.86
N LEU A 255 2.82 -15.29 32.23
CA LEU A 255 3.95 -15.78 33.01
C LEU A 255 4.61 -14.67 33.82
N ASP A 256 4.53 -13.43 33.34
CA ASP A 256 5.03 -12.31 34.14
C ASP A 256 4.24 -12.15 35.43
N ALA A 257 3.01 -12.66 35.47
CA ALA A 257 2.14 -12.57 36.63
C ALA A 257 2.09 -13.85 37.45
N GLY A 258 2.70 -14.92 36.96
CA GLY A 258 2.68 -16.19 37.67
C GLY A 258 1.57 -17.14 37.26
N TYR A 259 0.86 -16.84 36.17
CA TYR A 259 -0.20 -17.71 35.69
C TYR A 259 0.35 -18.74 34.71
N PRO A 260 -0.30 -19.89 34.56
CA PRO A 260 0.15 -20.86 33.56
C PRO A 260 -0.02 -20.33 32.14
N ALA A 261 0.78 -20.86 31.24
CA ALA A 261 0.72 -20.44 29.85
C ALA A 261 -0.58 -20.90 29.22
N PHE A 262 -1.09 -20.09 28.30
CA PHE A 262 -2.30 -20.44 27.56
C PHE A 262 -1.93 -21.14 26.25
N THR A 263 -2.80 -22.05 25.82
CA THR A 263 -2.58 -22.82 24.59
C THR A 263 -3.61 -22.45 23.54
N LYS A 264 -4.86 -22.89 23.69
CA LYS A 264 -5.91 -22.55 22.75
C LYS A 264 -7.27 -22.79 23.42
N PHE A 265 -8.28 -22.10 22.92
CA PHE A 265 -9.64 -22.36 23.36
C PHE A 265 -10.08 -23.75 22.88
N SER A 266 -11.26 -24.16 23.34
CA SER A 266 -11.84 -25.39 22.82
C SER A 266 -12.17 -25.25 21.34
N ASP A 267 -12.24 -26.39 20.66
CA ASP A 267 -12.51 -26.39 19.22
C ASP A 267 -13.89 -25.82 18.90
N GLU A 268 -14.84 -25.95 19.82
CA GLU A 268 -16.17 -25.40 19.61
C GLU A 268 -16.21 -23.89 19.80
N PHE A 269 -15.29 -23.31 20.57
CA PHE A 269 -15.38 -21.91 20.94
C PHE A 269 -14.49 -21.00 20.09
N GLU A 270 -13.42 -21.53 19.47
CA GLU A 270 -12.51 -20.67 18.72
C GLU A 270 -13.18 -19.87 17.63
N PRO A 271 -14.00 -20.45 16.73
CA PRO A 271 -14.61 -19.64 15.66
C PRO A 271 -15.52 -18.51 16.14
N GLN A 272 -15.87 -18.47 17.44
CA GLN A 272 -16.72 -17.42 17.98
C GLN A 272 -15.96 -16.17 18.39
N ILE A 273 -14.63 -16.22 18.36
CA ILE A 273 -13.83 -15.06 18.74
C ILE A 273 -14.07 -13.90 17.78
N CYS A 274 -13.96 -14.18 16.43
CA CYS A 274 -14.07 -13.13 15.43
C CYS A 274 -15.48 -13.03 14.87
N PRO A 275 -15.86 -11.86 14.36
CA PRO A 275 -17.08 -11.75 13.58
C PRO A 275 -16.97 -12.58 12.31
N GLN A 276 -18.12 -13.07 11.85
CA GLN A 276 -18.14 -14.06 10.79
C GLN A 276 -18.70 -13.47 9.49
N THR A 277 -18.47 -14.20 8.40
CA THR A 277 -19.09 -13.92 7.10
C THR A 277 -20.45 -14.62 6.96
N LYS A 278 -20.61 -15.80 7.55
CA LYS A 278 -21.93 -16.44 7.65
C LYS A 278 -22.62 -15.91 8.91
N ALA A 279 -23.70 -15.14 8.71
CA ALA A 279 -24.35 -14.45 9.82
C ALA A 279 -25.02 -15.39 10.82
N SER A 280 -25.29 -16.63 10.43
CA SER A 280 -25.91 -17.60 11.32
C SER A 280 -24.99 -18.05 12.44
N THR A 281 -23.69 -17.77 12.36
CA THR A 281 -22.75 -18.16 13.40
C THR A 281 -22.75 -17.12 14.51
N LYS A 282 -23.18 -17.53 15.70
CA LYS A 282 -23.17 -16.64 16.86
C LYS A 282 -21.73 -16.35 17.26
N SER A 283 -21.36 -15.08 17.28
CA SER A 283 -20.02 -14.65 17.67
C SER A 283 -20.02 -14.26 19.14
N ALA A 284 -18.93 -14.59 19.83
CA ALA A 284 -18.83 -14.33 21.26
C ALA A 284 -18.43 -12.89 21.53
N THR A 285 -18.99 -12.34 22.60
CA THR A 285 -18.67 -10.98 22.99
C THR A 285 -17.32 -10.93 23.69
N SER A 286 -16.79 -9.71 23.82
CA SER A 286 -15.51 -9.51 24.48
C SER A 286 -15.50 -10.12 25.89
N SER A 287 -16.58 -9.91 26.65
CA SER A 287 -16.65 -10.47 27.99
C SER A 287 -16.74 -11.99 27.96
N GLU A 288 -17.52 -12.53 27.02
CA GLU A 288 -17.61 -13.99 26.91
C GLU A 288 -16.27 -14.61 26.57
N VAL A 289 -15.44 -13.91 25.79
CA VAL A 289 -14.11 -14.44 25.50
C VAL A 289 -13.26 -14.45 26.77
N VAL A 290 -13.31 -13.38 27.55
CA VAL A 290 -12.59 -13.33 28.82
C VAL A 290 -13.06 -14.45 29.74
N VAL A 291 -14.38 -14.63 29.87
CA VAL A 291 -14.92 -15.65 30.76
C VAL A 291 -14.41 -17.03 30.35
N GLU A 292 -14.48 -17.33 29.05
CA GLU A 292 -13.98 -18.62 28.56
C GLU A 292 -12.47 -18.73 28.73
N PHE A 293 -11.75 -17.63 28.53
CA PHE A 293 -10.30 -17.63 28.69
C PHE A 293 -9.91 -17.99 30.12
N LEU A 294 -10.54 -17.36 31.11
CA LEU A 294 -10.21 -17.65 32.50
C LEU A 294 -10.61 -19.07 32.87
N LYS A 295 -11.74 -19.55 32.35
CA LYS A 295 -12.15 -20.93 32.63
C LYS A 295 -11.12 -21.92 32.08
N GLU A 296 -10.63 -21.69 30.86
CA GLU A 296 -9.59 -22.56 30.33
C GLU A 296 -8.30 -22.42 31.14
N LEU A 297 -8.01 -21.22 31.63
CA LEU A 297 -6.80 -21.04 32.43
C LEU A 297 -6.95 -21.68 33.81
N ALA A 298 -8.16 -21.69 34.36
CA ALA A 298 -8.35 -22.31 35.67
C ALA A 298 -8.21 -23.81 35.61
N LYS A 299 -8.52 -24.41 34.46
CA LYS A 299 -8.34 -25.85 34.30
C LYS A 299 -6.86 -26.24 34.31
N LYS A 300 -6.00 -25.35 33.83
CA LYS A 300 -4.56 -25.63 33.78
C LYS A 300 -3.90 -25.35 35.14
N VAL B 7 32.29 20.53 11.29
CA VAL B 7 31.16 20.06 12.08
C VAL B 7 30.91 21.01 13.25
N ASN B 8 31.89 21.83 13.58
CA ASN B 8 31.82 22.69 14.75
C ASN B 8 31.44 24.11 14.34
N TYR B 9 30.41 24.66 15.02
CA TYR B 9 29.96 26.03 14.80
C TYR B 9 30.06 26.87 16.07
N GLN B 10 30.77 26.39 17.09
CA GLN B 10 30.74 27.04 18.41
C GLN B 10 31.28 28.46 18.40
N ASP B 11 32.11 28.80 17.42
CA ASP B 11 32.78 30.10 17.41
C ASP B 11 32.11 31.13 16.50
N LEU B 12 31.03 30.77 15.82
CA LEU B 12 30.42 31.64 14.83
C LEU B 12 29.27 32.46 15.43
N GLU B 13 29.16 33.72 15.00
CA GLU B 13 28.05 34.57 15.41
C GLU B 13 26.73 33.96 14.98
N ASP B 14 25.75 33.95 15.90
CA ASP B 14 24.46 33.34 15.61
C ASP B 14 23.37 34.10 16.35
N ASN B 15 22.59 34.90 15.63
CA ASN B 15 21.40 35.54 16.19
C ASN B 15 20.12 35.02 15.56
N LEU B 16 20.20 33.86 14.90
CA LEU B 16 19.05 33.21 14.28
C LEU B 16 18.73 31.86 14.90
N ASN B 17 19.48 31.43 15.93
CA ASN B 17 19.36 30.10 16.50
C ASN B 17 19.61 29.01 15.45
N LEU B 18 20.43 29.31 14.45
CA LEU B 18 20.78 28.29 13.47
C LEU B 18 21.44 27.09 14.14
N LYS B 19 22.25 27.34 15.16
CA LYS B 19 22.87 26.24 15.89
C LYS B 19 21.81 25.30 16.46
N GLY B 20 20.77 25.87 17.10
CA GLY B 20 19.67 25.05 17.56
C GLY B 20 18.95 24.35 16.42
N LEU B 21 18.87 25.01 15.28
CA LEU B 21 18.29 24.37 14.10
C LEU B 21 19.15 23.22 13.62
N ILE B 22 20.46 23.44 13.52
CA ILE B 22 21.37 22.37 13.12
C ILE B 22 21.29 21.20 14.10
N SER B 23 21.06 21.48 15.38
CA SER B 23 20.97 20.40 16.35
C SER B 23 19.70 19.58 16.13
N LEU B 24 18.60 20.22 15.74
CA LEU B 24 17.41 19.46 15.38
C LEU B 24 17.68 18.57 14.18
N GLU B 25 18.35 19.12 13.15
CA GLU B 25 18.60 18.33 11.95
C GLU B 25 19.54 17.17 12.25
N ASP B 26 20.53 17.39 13.12
CA ASP B 26 21.44 16.31 13.48
C ASP B 26 20.70 15.18 14.19
N ASP B 27 19.76 15.51 15.08
CA ASP B 27 19.01 14.47 15.77
C ASP B 27 18.10 13.73 14.81
N ARG B 28 17.37 14.45 13.95
CA ARG B 28 16.54 13.80 12.95
C ARG B 28 17.37 12.96 12.01
N ASN B 29 18.55 13.45 11.64
CA ASN B 29 19.39 12.72 10.70
C ASN B 29 19.92 11.44 11.34
N ALA B 30 20.32 11.53 12.61
CA ALA B 30 20.81 10.36 13.33
C ALA B 30 19.77 9.27 13.48
N ASN B 31 18.48 9.64 13.42
CA ASN B 31 17.42 8.65 13.52
C ASN B 31 16.78 8.36 12.18
N PHE B 32 17.36 8.85 11.09
CA PHE B 32 16.74 8.64 9.79
C PHE B 32 16.76 7.17 9.39
N GLU B 33 17.88 6.48 9.66
CA GLU B 33 17.98 5.07 9.31
C GLU B 33 16.91 4.25 10.02
N SER B 34 16.73 4.47 11.32
CA SER B 34 15.75 3.69 12.04
C SER B 34 14.32 4.12 11.69
N ASN B 35 14.09 5.43 11.59
CA ASN B 35 12.72 5.88 11.38
C ASN B 35 12.23 5.63 9.97
N VAL B 36 13.13 5.53 8.99
CA VAL B 36 12.71 5.36 7.60
C VAL B 36 13.28 4.06 7.02
N LEU B 37 14.61 3.94 7.00
CA LEU B 37 15.23 2.82 6.28
C LEU B 37 14.93 1.49 6.94
N LYS B 38 14.81 1.47 8.27
CA LYS B 38 14.50 0.25 9.02
C LYS B 38 13.02 0.14 9.37
N ASN B 39 12.19 1.04 8.87
CA ASN B 39 10.76 1.00 9.14
C ASN B 39 10.11 -0.07 8.27
N GLU B 40 9.41 -1.02 8.90
CA GLU B 40 8.94 -2.19 8.16
C GLU B 40 7.80 -1.85 7.20
N LYS B 41 6.95 -0.86 7.54
CA LYS B 41 5.95 -0.42 6.57
C LYS B 41 6.61 0.11 5.32
N PHE B 42 7.66 0.93 5.48
CA PHE B 42 8.45 1.38 4.33
C PHE B 42 9.02 0.19 3.57
N LEU B 43 9.67 -0.74 4.30
CA LEU B 43 10.29 -1.87 3.63
C LEU B 43 9.26 -2.77 2.95
N ASP B 44 8.13 -3.04 3.63
CA ASP B 44 7.08 -3.83 3.02
C ASP B 44 6.58 -3.19 1.73
N GLU B 45 6.44 -1.86 1.72
CA GLU B 45 6.06 -1.16 0.50
C GLU B 45 7.07 -1.43 -0.61
N ALA B 46 8.36 -1.29 -0.31
CA ALA B 46 9.39 -1.54 -1.31
C ALA B 46 9.36 -2.99 -1.78
N ARG B 47 9.19 -3.94 -0.84
CA ARG B 47 9.15 -5.35 -1.21
C ARG B 47 8.01 -5.64 -2.19
N GLU B 48 6.81 -5.13 -1.89
CA GLU B 48 5.67 -5.43 -2.75
C GLU B 48 5.83 -4.79 -4.12
N ILE B 49 6.22 -3.53 -4.16
CA ILE B 49 6.38 -2.84 -5.44
C ILE B 49 7.45 -3.53 -6.29
N SER B 50 8.55 -3.95 -5.67
CA SER B 50 9.64 -4.56 -6.42
C SER B 50 9.23 -5.92 -6.98
N LYS B 51 8.44 -6.68 -6.22
CA LYS B 51 8.02 -8.02 -6.65
C LYS B 51 7.03 -7.97 -7.81
N LYS B 52 6.35 -6.84 -8.02
CA LYS B 52 5.39 -6.76 -9.11
C LYS B 52 6.03 -6.85 -10.48
N SER B 53 7.31 -6.48 -10.60
CA SER B 53 8.03 -6.55 -11.85
C SER B 53 8.80 -7.86 -12.02
N ILE B 54 8.80 -8.72 -11.02
CA ILE B 54 9.58 -9.96 -11.03
C ILE B 54 8.63 -11.13 -11.30
N PRO B 55 8.93 -11.99 -12.27
CA PRO B 55 8.06 -13.14 -12.52
C PRO B 55 8.00 -14.06 -11.30
N GLU B 56 6.85 -14.71 -11.13
CA GLU B 56 6.62 -15.50 -9.93
C GLU B 56 7.59 -16.68 -9.86
N ALA B 57 8.02 -17.18 -11.01
CA ALA B 57 9.01 -18.25 -10.99
C ALA B 57 10.34 -17.75 -10.43
N THR B 58 10.72 -16.51 -10.79
CA THR B 58 11.94 -15.93 -10.27
C THR B 58 11.82 -15.59 -8.79
N VAL B 59 10.62 -15.16 -8.37
CA VAL B 59 10.41 -14.87 -6.95
C VAL B 59 10.59 -16.13 -6.12
N LYS B 60 9.99 -17.24 -6.55
CA LYS B 60 10.18 -18.49 -5.82
C LYS B 60 11.65 -18.89 -5.80
N GLN B 61 12.36 -18.67 -6.91
CA GLN B 61 13.78 -19.03 -6.94
C GLN B 61 14.58 -18.12 -6.02
N MET B 62 14.37 -16.81 -6.10
CA MET B 62 15.16 -15.89 -5.30
C MET B 62 14.87 -15.99 -3.82
N SER B 63 13.66 -16.41 -3.45
CA SER B 63 13.31 -16.51 -2.04
C SER B 63 14.22 -17.46 -1.26
N HIS B 64 15.02 -18.29 -1.95
CA HIS B 64 15.99 -19.16 -1.29
C HIS B 64 17.34 -18.51 -1.10
N LEU B 65 17.51 -17.26 -1.52
CA LEU B 65 18.77 -16.56 -1.35
C LEU B 65 18.59 -15.52 -0.24
N PRO B 66 19.41 -15.56 0.81
CA PRO B 66 19.24 -14.57 1.89
C PRO B 66 19.39 -13.14 1.43
N GLU B 67 20.12 -12.89 0.34
CA GLU B 67 20.31 -11.53 -0.14
C GLU B 67 19.07 -10.95 -0.80
N PHE B 68 18.02 -11.76 -0.98
CA PHE B 68 16.88 -11.34 -1.80
C PHE B 68 16.19 -10.13 -1.20
N ASP B 69 16.01 -10.10 0.11
CA ASP B 69 15.32 -8.97 0.73
C ASP B 69 16.10 -7.67 0.54
N ASP B 70 17.43 -7.74 0.62
CA ASP B 70 18.25 -6.55 0.38
C ASP B 70 18.14 -6.08 -1.05
N ILE B 71 17.97 -7.00 -2.01
CA ILE B 71 17.79 -6.60 -3.39
C ILE B 71 16.46 -5.85 -3.55
N LEU B 72 15.41 -6.33 -2.88
CA LEU B 72 14.10 -5.71 -3.04
C LEU B 72 14.07 -4.30 -2.48
N THR B 73 14.88 -4.01 -1.47
CA THR B 73 14.78 -2.77 -0.73
C THR B 73 15.95 -1.81 -0.97
N GLU B 74 17.02 -2.25 -1.63
CA GLU B 74 18.21 -1.42 -1.78
C GLU B 74 17.92 -0.14 -2.56
N GLY B 75 17.24 -0.26 -3.70
CA GLY B 75 16.93 0.92 -4.49
C GLY B 75 16.09 1.93 -3.72
N ALA B 76 15.05 1.45 -3.05
CA ALA B 76 14.19 2.34 -2.27
C ALA B 76 14.97 3.05 -1.17
N LYS B 77 15.84 2.32 -0.46
CA LYS B 77 16.60 2.94 0.62
C LYS B 77 17.58 3.96 0.07
N LYS B 78 18.21 3.67 -1.07
CA LYS B 78 19.17 4.62 -1.62
C LYS B 78 18.48 5.91 -2.04
N VAL B 79 17.26 5.82 -2.56
CA VAL B 79 16.54 7.02 -2.98
C VAL B 79 16.22 7.90 -1.78
N GLU B 80 15.65 7.31 -0.72
CA GLU B 80 15.37 8.07 0.48
C GLU B 80 16.63 8.66 1.07
N SER B 81 17.72 7.89 1.08
CA SER B 81 18.99 8.43 1.58
C SER B 81 19.44 9.61 0.73
N ARG B 82 19.26 9.49 -0.60
CA ARG B 82 19.60 10.59 -1.50
C ARG B 82 18.80 11.84 -1.17
N ILE B 83 17.49 11.67 -0.98
CA ILE B 83 16.62 12.78 -0.61
C ILE B 83 17.02 13.35 0.74
N ASN B 84 17.21 12.48 1.74
CA ASN B 84 17.58 12.99 3.06
C ASN B 84 18.88 13.77 3.00
N LYS B 85 19.83 13.33 2.17
CA LYS B 85 21.07 14.10 2.03
C LYS B 85 20.81 15.47 1.41
N ALA B 86 19.82 15.58 0.52
CA ALA B 86 19.56 16.86 -0.11
C ALA B 86 18.88 17.84 0.82
N ILE B 87 18.07 17.35 1.77
CA ILE B 87 17.25 18.24 2.59
C ILE B 87 17.88 18.53 3.96
N THR B 88 18.75 17.64 4.47
CA THR B 88 19.34 17.84 5.78
C THR B 88 20.14 19.13 5.81
N PHE B 89 19.80 20.01 6.73
CA PHE B 89 20.46 21.31 6.82
C PHE B 89 21.74 21.15 7.62
N ARG B 90 22.87 21.29 6.95
CA ARG B 90 24.19 21.22 7.59
C ARG B 90 25.13 22.12 6.81
N PRO B 91 25.06 23.43 7.05
CA PRO B 91 25.82 24.38 6.24
C PRO B 91 27.29 24.41 6.60
N SER B 92 28.08 24.97 5.68
CA SER B 92 29.47 25.27 5.95
C SER B 92 29.57 26.50 6.84
N VAL B 93 30.78 26.75 7.36
CA VAL B 93 30.99 27.96 8.15
C VAL B 93 30.76 29.20 7.31
N GLU B 94 31.06 29.14 6.00
CA GLU B 94 30.78 30.25 5.12
C GLU B 94 29.27 30.43 4.94
N GLU B 95 28.57 29.34 4.62
CA GLU B 95 27.12 29.42 4.44
C GLU B 95 26.41 29.85 5.71
N PHE B 96 26.93 29.44 6.88
CA PHE B 96 26.34 29.84 8.14
C PHE B 96 26.32 31.36 8.28
N SER B 97 27.50 31.99 8.16
CA SER B 97 27.53 33.44 8.27
C SER B 97 26.79 34.11 7.12
N GLU B 98 26.75 33.47 5.95
CA GLU B 98 26.04 34.06 4.82
C GLU B 98 24.54 34.13 5.11
N ILE B 99 23.98 33.06 5.66
CA ILE B 99 22.58 33.09 6.06
C ILE B 99 22.34 34.16 7.10
N GLN B 100 23.31 34.42 7.96
CA GLN B 100 23.17 35.48 8.96
C GLN B 100 22.99 36.83 8.29
N ASP B 101 23.81 37.12 7.27
CA ASP B 101 23.69 38.39 6.57
C ASP B 101 22.42 38.45 5.74
N LEU B 102 22.04 37.32 5.12
CA LEU B 102 20.90 37.34 4.21
C LEU B 102 19.59 37.62 4.95
N VAL B 103 19.44 37.11 6.17
CA VAL B 103 18.21 37.35 6.92
C VAL B 103 18.07 38.84 7.25
N LYS B 104 19.19 39.53 7.50
CA LYS B 104 19.14 40.96 7.81
C LYS B 104 18.62 41.78 6.63
N THR B 105 18.64 41.23 5.42
CA THR B 105 18.16 41.92 4.23
C THR B 105 16.67 41.69 3.98
N LEU B 106 16.00 40.91 4.83
CA LEU B 106 14.59 40.64 4.61
C LEU B 106 13.73 41.75 5.20
N PRO B 107 12.68 42.18 4.50
CA PRO B 107 11.72 43.10 5.12
C PRO B 107 10.85 42.35 6.13
N LYS B 108 10.68 42.94 7.31
CA LYS B 108 9.92 42.32 8.38
C LYS B 108 9.02 43.38 9.01
N THR B 109 7.72 43.21 8.88
CA THR B 109 6.78 44.18 9.44
C THR B 109 6.63 43.97 10.95
N LYS B 110 6.49 45.08 11.67
CA LYS B 110 6.35 44.99 13.12
C LYS B 110 5.00 44.39 13.50
N VAL B 111 3.91 44.92 12.96
CA VAL B 111 2.58 44.43 13.24
C VAL B 111 2.30 43.21 12.38
N ILE B 112 1.87 42.12 13.01
CA ILE B 112 1.53 40.89 12.29
C ILE B 112 0.07 40.97 11.87
N GLU B 113 -0.20 40.61 10.62
CA GLU B 113 -1.53 40.71 10.05
C GLU B 113 -2.51 39.78 10.77
N ASP B 114 -3.79 40.14 10.71
CA ASP B 114 -4.83 39.31 11.28
C ASP B 114 -5.09 38.10 10.39
N LEU B 115 -6.02 37.25 10.80
CA LEU B 115 -6.27 36.02 10.06
C LEU B 115 -6.87 36.31 8.70
N SER B 116 -7.78 37.28 8.63
CA SER B 116 -8.40 37.63 7.35
C SER B 116 -7.35 38.12 6.36
N THR B 117 -6.42 38.96 6.82
CA THR B 117 -5.40 39.52 5.93
C THR B 117 -4.40 38.45 5.49
N LYS B 118 -3.97 37.58 6.41
CA LYS B 118 -3.08 36.49 6.01
C LYS B 118 -3.72 35.60 4.96
N THR B 119 -5.04 35.36 5.08
CA THR B 119 -5.72 34.54 4.09
C THR B 119 -5.63 35.17 2.70
N ASN B 120 -5.85 36.48 2.60
CA ASN B 120 -5.77 37.11 1.29
C ASN B 120 -4.36 37.05 0.73
N GLU B 121 -3.35 37.36 1.55
CA GLU B 121 -2.00 37.44 1.02
C GLU B 121 -1.48 36.08 0.59
N ILE B 122 -1.84 35.03 1.32
CA ILE B 122 -1.45 33.67 0.92
C ILE B 122 -2.19 33.25 -0.33
N THR B 123 -3.45 33.68 -0.48
CA THR B 123 -4.20 33.39 -1.69
C THR B 123 -3.57 34.09 -2.90
N GLU B 124 -3.22 35.37 -2.75
CA GLU B 124 -2.57 36.10 -3.84
C GLU B 124 -1.21 35.51 -4.19
N ALA B 125 -0.48 35.00 -3.20
CA ALA B 125 0.80 34.38 -3.49
C ALA B 125 0.62 33.14 -4.35
N LEU B 126 -0.44 32.35 -4.09
CA LEU B 126 -0.71 31.23 -4.98
C LEU B 126 -1.17 31.72 -6.34
N ALA B 127 -1.90 32.82 -6.40
CA ALA B 127 -2.41 33.30 -7.68
C ALA B 127 -1.26 33.72 -8.60
N ALA B 128 -0.19 34.27 -8.02
CA ALA B 128 0.94 34.72 -8.83
C ALA B 128 1.67 33.55 -9.48
N THR B 129 1.58 32.36 -8.87
CA THR B 129 2.31 31.21 -9.41
C THR B 129 1.56 30.57 -10.58
N SER B 130 0.23 30.58 -10.56
CA SER B 130 -0.58 29.84 -11.52
C SER B 130 -1.43 30.78 -12.38
N LYS B 131 -1.33 30.62 -13.69
CA LYS B 131 -2.23 31.34 -14.57
C LYS B 131 -3.67 30.83 -14.47
N THR B 132 -3.85 29.58 -14.05
CA THR B 132 -5.21 29.05 -13.94
C THR B 132 -5.96 29.72 -12.79
N ILE B 133 -5.29 29.94 -11.67
CA ILE B 133 -5.94 30.58 -10.53
C ILE B 133 -6.36 32.00 -10.87
N GLN B 134 -5.56 32.69 -11.69
CA GLN B 134 -5.92 34.04 -12.09
C GLN B 134 -7.13 34.04 -13.02
N ARG B 135 -7.13 33.16 -14.02
CA ARG B 135 -8.20 33.14 -15.00
C ARG B 135 -9.48 32.52 -14.45
N THR B 136 -9.39 31.79 -13.32
CA THR B 136 -10.55 31.11 -12.75
C THR B 136 -10.90 31.72 -11.40
N PRO B 137 -11.87 32.65 -11.34
CA PRO B 137 -12.23 33.23 -10.04
C PRO B 137 -12.83 32.23 -9.08
N GLU B 138 -13.61 31.26 -9.58
CA GLU B 138 -14.20 30.26 -8.69
C GLU B 138 -13.13 29.44 -7.99
N LEU B 139 -12.11 28.99 -8.74
CA LEU B 139 -11.04 28.22 -8.12
C LEU B 139 -10.31 29.03 -7.05
N LYS B 140 -10.05 30.31 -7.32
CA LYS B 140 -9.33 31.12 -6.35
C LYS B 140 -10.13 31.28 -5.06
N GLU B 141 -11.44 31.46 -5.18
CA GLU B 141 -12.29 31.56 -3.99
C GLU B 141 -12.31 30.24 -3.23
N GLN B 142 -12.29 29.11 -3.93
CA GLN B 142 -12.24 27.82 -3.25
C GLN B 142 -10.93 27.67 -2.48
N LEU B 143 -9.80 27.98 -3.12
CA LEU B 143 -8.52 27.88 -2.43
C LEU B 143 -8.43 28.87 -1.28
N LYS B 144 -9.08 30.03 -1.42
CA LYS B 144 -9.09 31.02 -0.35
C LYS B 144 -9.75 30.45 0.90
N THR B 145 -10.84 29.69 0.72
CA THR B 145 -11.53 29.07 1.86
C THR B 145 -10.67 28.02 2.54
N ALA B 146 -9.97 27.19 1.75
CA ALA B 146 -9.10 26.19 2.36
C ALA B 146 -7.99 26.85 3.15
N ILE B 147 -7.43 27.95 2.63
CA ILE B 147 -6.39 28.68 3.35
C ILE B 147 -6.95 29.28 4.63
N GLU B 148 -8.16 29.84 4.56
CA GLU B 148 -8.79 30.38 5.75
C GLU B 148 -9.04 29.29 6.78
N ASP B 149 -9.53 28.13 6.34
CA ASP B 149 -9.80 27.05 7.28
C ASP B 149 -8.51 26.55 7.94
N PHE B 150 -7.43 26.44 7.15
CA PHE B 150 -6.16 26.00 7.71
C PHE B 150 -5.60 27.01 8.71
N LEU B 151 -5.76 28.30 8.43
CA LEU B 151 -5.27 29.31 9.36
C LEU B 151 -6.12 29.38 10.61
N GLN B 152 -7.42 29.09 10.51
CA GLN B 152 -8.26 29.09 11.71
C GLN B 152 -7.92 27.92 12.63
N ASN B 153 -7.74 26.73 12.06
CA ASN B 153 -7.49 25.55 12.88
C ASN B 153 -6.08 25.51 13.45
N SER B 154 -5.12 26.20 12.83
CA SER B 154 -3.74 26.19 13.29
C SER B 154 -3.37 27.42 14.10
N GLN B 155 -4.32 28.34 14.32
CA GLN B 155 -4.02 29.54 15.07
C GLN B 155 -3.80 29.18 16.53
N GLY B 156 -2.65 29.56 17.06
CA GLY B 156 -2.34 29.33 18.47
C GLY B 156 -2.37 27.89 18.89
N LYS B 157 -2.25 26.97 17.95
CA LYS B 157 -2.32 25.54 18.23
C LYS B 157 -1.18 24.85 17.49
N PRO B 158 -0.59 23.81 18.07
CA PRO B 158 0.47 23.09 17.36
C PRO B 158 -0.06 22.49 16.06
N LEU B 159 0.79 22.54 15.03
CA LEU B 159 0.42 21.98 13.74
C LEU B 159 0.32 20.46 13.84
N THR B 160 -0.61 19.89 13.07
CA THR B 160 -0.80 18.45 13.01
C THR B 160 -0.93 17.99 11.57
N VAL B 161 -0.64 16.72 11.35
CA VAL B 161 -0.77 16.13 10.01
C VAL B 161 -2.21 16.18 9.54
N GLN B 162 -3.17 15.99 10.45
CA GLN B 162 -4.58 16.12 10.08
C GLN B 162 -4.88 17.51 9.54
N MET B 163 -4.24 18.55 10.11
CA MET B 163 -4.40 19.89 9.56
C MET B 163 -3.87 19.97 8.14
N ILE B 164 -2.78 19.27 7.87
CA ILE B 164 -2.19 19.31 6.54
C ILE B 164 -3.00 18.47 5.56
N GLU B 165 -3.49 17.31 6.00
CA GLU B 165 -4.38 16.52 5.15
C GLU B 165 -5.60 17.33 4.75
N ASN B 166 -6.25 17.98 5.72
CA ASN B 166 -7.40 18.83 5.39
C ASN B 166 -7.00 19.96 4.46
N LEU B 167 -5.87 20.61 4.74
CA LEU B 167 -5.40 21.69 3.88
C LEU B 167 -5.17 21.19 2.46
N ASN B 168 -4.44 20.08 2.32
CA ASN B 168 -4.18 19.55 0.98
C ASN B 168 -5.48 19.19 0.27
N HIS B 169 -6.40 18.54 0.97
CA HIS B 169 -7.69 18.23 0.36
C HIS B 169 -8.43 19.51 -0.03
N GLY B 170 -8.37 20.54 0.81
CA GLY B 170 -9.00 21.80 0.47
C GLY B 170 -8.40 22.45 -0.76
N LEU B 171 -7.12 22.23 -1.00
CA LEU B 171 -6.42 22.83 -2.12
C LEU B 171 -6.59 22.02 -3.41
N ARG B 172 -7.42 20.98 -3.38
CA ARG B 172 -7.71 20.14 -4.55
C ARG B 172 -9.21 20.09 -4.77
N PRO B 173 -9.83 21.22 -5.15
CA PRO B 173 -11.26 21.22 -5.42
C PRO B 173 -11.65 20.84 -6.83
N ASP B 174 -10.69 20.73 -7.75
CA ASP B 174 -10.97 20.43 -9.14
C ASP B 174 -10.68 18.98 -9.48
N GLU B 175 -10.70 18.09 -8.49
CA GLU B 175 -10.24 16.73 -8.71
C GLU B 175 -11.35 15.78 -9.12
N GLY B 176 -12.48 15.84 -8.44
CA GLY B 176 -13.47 14.79 -8.56
C GLY B 176 -13.47 13.88 -7.34
N GLU B 177 -14.62 13.28 -7.09
CA GLU B 177 -14.80 12.54 -5.86
C GLU B 177 -14.04 11.23 -5.90
N GLY B 178 -13.70 10.73 -4.71
CA GLY B 178 -13.11 9.42 -4.62
C GLY B 178 -11.62 9.38 -4.86
N ARG B 179 -10.97 10.51 -5.04
CA ARG B 179 -9.54 10.51 -5.29
C ARG B 179 -8.78 10.21 -4.01
N LEU B 180 -7.72 9.40 -4.13
CA LEU B 180 -6.85 9.13 -3.00
C LEU B 180 -6.19 10.41 -2.52
N LEU B 181 -6.12 10.59 -1.21
CA LEU B 181 -5.40 11.73 -0.67
C LEU B 181 -3.91 11.61 -0.93
N TYR B 182 -3.30 10.55 -0.40
CA TYR B 182 -1.89 10.34 -0.58
C TYR B 182 -1.62 9.64 -1.91
N LYS B 183 -0.41 9.81 -2.41
CA LYS B 183 -0.03 9.11 -3.63
C LYS B 183 0.05 7.61 -3.35
N LYS B 184 -0.21 6.82 -4.39
CA LYS B 184 -0.21 5.37 -4.30
C LYS B 184 1.06 4.74 -4.85
N GLU B 185 1.97 5.54 -5.39
CA GLU B 185 3.19 5.01 -5.98
C GLU B 185 4.23 6.11 -6.03
N ASN B 186 5.48 5.70 -6.23
CA ASN B 186 6.55 6.67 -6.43
C ASN B 186 6.33 7.41 -7.74
N LEU B 187 6.37 8.74 -7.67
CA LEU B 187 6.21 9.57 -8.85
C LEU B 187 7.53 10.26 -9.17
N THR B 188 7.65 10.69 -10.43
CA THR B 188 8.79 11.46 -10.89
C THR B 188 8.29 12.75 -11.52
N LYS B 189 8.95 13.85 -11.17
CA LYS B 189 8.62 15.18 -11.69
C LYS B 189 9.76 15.61 -12.59
N GLU B 190 9.46 15.80 -13.88
CA GLU B 190 10.50 16.03 -14.88
C GLU B 190 11.53 14.89 -14.76
N ASN B 191 12.68 15.18 -14.17
CA ASN B 191 13.72 14.16 -13.98
C ASN B 191 13.98 13.88 -12.50
N ALA B 192 13.10 14.34 -11.62
CA ALA B 192 13.35 14.32 -10.18
C ALA B 192 12.80 13.05 -9.54
N VAL B 193 13.35 12.73 -8.38
CA VAL B 193 12.91 11.59 -7.57
C VAL B 193 12.22 12.14 -6.32
N PHE B 194 11.16 11.47 -5.90
CA PHE B 194 10.43 11.81 -4.69
C PHE B 194 10.46 10.64 -3.72
N SER B 195 10.14 10.92 -2.47
CA SER B 195 10.07 9.85 -1.48
C SER B 195 8.95 8.87 -1.83
N SER B 196 9.13 7.63 -1.40
CA SER B 196 8.07 6.65 -1.55
C SER B 196 6.85 7.11 -0.76
N PRO B 197 5.65 6.64 -1.13
CA PRO B 197 4.45 7.03 -0.39
C PRO B 197 4.59 6.85 1.10
N GLU B 198 5.12 5.71 1.56
CA GLU B 198 5.24 5.50 3.00
C GLU B 198 6.33 6.36 3.61
N ALA B 199 7.49 6.45 2.96
CA ALA B 199 8.53 7.33 3.49
C ALA B 199 8.07 8.78 3.51
N ALA B 200 7.24 9.17 2.54
CA ALA B 200 6.73 10.54 2.53
C ALA B 200 5.80 10.78 3.70
N LYS B 201 4.92 9.81 4.00
CA LYS B 201 4.07 9.94 5.18
C LYS B 201 4.89 10.01 6.45
N ILE B 202 5.91 9.16 6.55
CA ILE B 202 6.75 9.17 7.75
C ILE B 202 7.40 10.52 7.92
N GLN B 203 8.06 11.01 6.86
CA GLN B 203 8.78 12.26 6.96
C GLN B 203 7.88 13.48 6.84
N LEU B 204 6.60 13.31 6.46
CA LEU B 204 5.65 14.41 6.61
C LEU B 204 5.38 14.69 8.08
N ALA B 205 5.22 13.65 8.89
CA ALA B 205 4.99 13.85 10.32
C ALA B 205 6.23 14.41 11.00
N GLU B 206 7.42 14.01 10.54
CA GLU B 206 8.64 14.57 11.11
C GLU B 206 8.78 16.05 10.76
N THR B 207 8.36 16.42 9.55
CA THR B 207 8.38 17.83 9.18
C THR B 207 7.43 18.64 10.06
N VAL B 208 6.27 18.07 10.38
CA VAL B 208 5.34 18.72 11.30
C VAL B 208 6.01 18.91 12.66
N ASP B 209 6.61 17.85 13.19
CA ASP B 209 7.37 17.97 14.43
C ASP B 209 8.49 19.00 14.30
N PHE B 210 9.13 19.03 13.14
CA PHE B 210 10.20 20.00 12.88
C PHE B 210 9.67 21.43 12.93
N ILE B 211 8.47 21.66 12.39
CA ILE B 211 7.91 23.00 12.39
C ILE B 211 7.60 23.44 13.83
N ASN B 212 6.96 22.56 14.61
CA ASN B 212 6.58 22.92 15.96
C ASN B 212 7.81 23.18 16.85
N ARG B 213 8.81 22.29 16.78
CA ARG B 213 9.99 22.48 17.61
C ARG B 213 10.73 23.76 17.26
N ALA B 214 10.84 24.06 15.96
CA ALA B 214 11.52 25.27 15.52
C ALA B 214 10.82 26.52 16.05
N LYS B 215 9.48 26.52 16.07
CA LYS B 215 8.77 27.66 16.63
C LYS B 215 8.97 27.74 18.14
N ASN B 216 8.92 26.60 18.81
CA ASN B 216 9.13 26.60 20.26
C ASN B 216 10.56 27.00 20.61
N GLU B 217 11.54 26.57 19.80
CA GLU B 217 12.92 26.91 20.05
C GLU B 217 13.30 28.28 19.53
N GLY B 218 12.37 29.02 18.92
CA GLY B 218 12.67 30.36 18.46
C GLY B 218 13.62 30.42 17.29
N ILE B 219 13.58 29.42 16.42
CA ILE B 219 14.48 29.35 15.28
C ILE B 219 13.94 30.25 14.17
N GLU B 220 14.86 30.92 13.47
CA GLU B 220 14.53 31.91 12.44
C GLU B 220 13.48 31.38 11.48
N PRO B 221 12.29 31.97 11.48
CA PRO B 221 11.20 31.44 10.65
C PRO B 221 11.50 31.44 9.17
N SER B 222 12.25 32.42 8.66
CA SER B 222 12.54 32.44 7.22
C SER B 222 13.39 31.25 6.82
N VAL B 223 14.35 30.86 7.68
CA VAL B 223 15.15 29.68 7.38
C VAL B 223 14.31 28.43 7.54
N VAL B 224 13.43 28.42 8.54
CA VAL B 224 12.50 27.31 8.70
C VAL B 224 11.64 27.16 7.46
N GLY B 225 11.06 28.27 6.99
CA GLY B 225 10.22 28.21 5.80
C GLY B 225 10.96 27.64 4.61
N ALA B 226 12.24 28.01 4.45
CA ALA B 226 13.04 27.49 3.34
C ALA B 226 13.17 25.97 3.41
N LEU B 227 13.65 25.47 4.56
CA LEU B 227 13.81 24.03 4.73
C LEU B 227 12.49 23.30 4.55
N VAL B 228 11.40 23.84 5.11
CA VAL B 228 10.09 23.17 5.00
C VAL B 228 9.65 23.13 3.54
N TYR B 229 9.87 24.21 2.80
CA TYR B 229 9.50 24.21 1.39
C TYR B 229 10.24 23.12 0.64
N GLN B 230 11.55 23.03 0.84
CA GLN B 230 12.35 22.08 0.07
C GLN B 230 11.91 20.65 0.33
N ARG B 231 11.78 20.27 1.60
CA ARG B 231 11.55 18.87 1.90
C ARG B 231 10.13 18.44 1.56
N LEU B 232 9.14 19.29 1.84
CA LEU B 232 7.76 18.97 1.42
C LEU B 232 7.70 18.71 -0.08
N ILE B 233 8.35 19.55 -0.88
CA ILE B 233 8.40 19.31 -2.31
C ILE B 233 9.14 18.02 -2.61
N ALA B 234 10.23 17.75 -1.88
CA ALA B 234 11.03 16.54 -2.11
C ALA B 234 10.29 15.29 -1.65
N TYR B 235 9.54 15.38 -0.55
CA TYR B 235 8.78 14.25 -0.08
C TYR B 235 7.60 13.98 -0.99
N HIS B 236 6.86 15.02 -1.35
CA HIS B 236 5.72 14.93 -2.26
C HIS B 236 4.74 13.90 -1.70
N PRO B 237 4.22 14.09 -0.49
CA PRO B 237 3.40 13.04 0.13
C PRO B 237 2.09 12.80 -0.57
N PHE B 238 1.46 13.84 -1.08
CA PHE B 238 0.07 13.78 -1.53
C PHE B 238 -0.02 13.55 -3.03
N ALA B 239 -1.16 13.02 -3.45
CA ALA B 239 -1.35 12.67 -4.86
C ALA B 239 -1.30 13.93 -5.73
N GLU B 240 -1.84 15.04 -5.21
CA GLU B 240 -1.90 16.28 -5.95
C GLU B 240 -1.79 17.45 -4.96
N GLY B 241 -1.51 18.63 -5.51
CA GLY B 241 -1.51 19.84 -4.71
C GLY B 241 -0.36 20.00 -3.75
N ASN B 242 0.74 19.28 -3.95
CA ASN B 242 1.87 19.42 -3.05
C ASN B 242 2.52 20.80 -3.14
N GLY B 243 2.55 21.37 -4.35
CA GLY B 243 3.06 22.73 -4.47
C GLY B 243 2.21 23.73 -3.71
N ARG B 244 0.90 23.73 -3.97
CA ARG B 244 0.02 24.65 -3.27
C ARG B 244 0.15 24.50 -1.77
N MET B 245 0.09 23.25 -1.29
CA MET B 245 0.13 22.99 0.14
C MET B 245 1.42 23.50 0.76
N ALA B 246 2.57 23.21 0.12
CA ALA B 246 3.84 23.69 0.64
C ALA B 246 3.87 25.22 0.73
N ARG B 247 3.38 25.91 -0.29
CA ARG B 247 3.41 27.35 -0.27
C ARG B 247 2.51 27.92 0.81
N VAL B 248 1.38 27.26 1.09
CA VAL B 248 0.49 27.77 2.12
C VAL B 248 1.12 27.59 3.51
N ILE B 249 1.71 26.43 3.77
CA ILE B 249 2.34 26.18 5.07
C ILE B 249 3.54 27.11 5.27
N VAL B 250 4.39 27.23 4.26
CA VAL B 250 5.55 28.10 4.36
C VAL B 250 5.13 29.54 4.58
N ASN B 251 4.13 30.01 3.82
CA ASN B 251 3.71 31.40 3.93
C ASN B 251 3.09 31.71 5.29
N LYS B 252 2.45 30.72 5.91
CA LYS B 252 2.00 30.91 7.28
C LYS B 252 3.20 31.11 8.21
N ILE B 253 4.24 30.27 8.06
CA ILE B 253 5.44 30.42 8.88
C ILE B 253 6.04 31.79 8.69
N LEU B 254 6.10 32.26 7.45
CA LEU B 254 6.68 33.57 7.15
C LEU B 254 5.80 34.71 7.65
N LEU B 255 4.51 34.67 7.29
CA LEU B 255 3.60 35.75 7.69
C LEU B 255 3.45 35.82 9.21
N ASP B 256 3.49 34.67 9.90
CA ASP B 256 3.47 34.71 11.35
C ASP B 256 4.66 35.49 11.91
N ALA B 257 5.74 35.61 11.15
CA ALA B 257 6.93 36.33 11.55
C ALA B 257 7.01 37.72 10.95
N GLY B 258 6.08 38.09 10.08
CA GLY B 258 6.10 39.39 9.46
C GLY B 258 6.87 39.48 8.16
N TYR B 259 7.27 38.35 7.60
CA TYR B 259 8.00 38.35 6.34
C TYR B 259 7.04 38.30 5.17
N PRO B 260 7.46 38.75 3.99
CA PRO B 260 6.58 38.65 2.82
C PRO B 260 6.35 37.21 2.43
N ALA B 261 5.22 36.97 1.79
CA ALA B 261 4.89 35.65 1.32
C ALA B 261 5.84 35.23 0.20
N PHE B 262 6.06 33.93 0.09
CA PHE B 262 6.87 33.33 -0.96
C PHE B 262 5.97 32.88 -2.11
N THR B 263 6.48 33.02 -3.33
CA THR B 263 5.77 32.59 -4.52
C THR B 263 6.46 31.39 -5.16
N LYS B 264 7.61 31.58 -5.78
CA LYS B 264 8.32 30.48 -6.40
C LYS B 264 9.77 30.89 -6.62
N PHE B 265 10.64 29.89 -6.69
CA PHE B 265 12.01 30.14 -7.10
C PHE B 265 12.06 30.48 -8.59
N SER B 266 13.24 30.93 -9.03
CA SER B 266 13.44 31.19 -10.44
C SER B 266 13.30 29.89 -11.24
N ASP B 267 12.95 30.05 -12.52
CA ASP B 267 12.77 28.88 -13.37
C ASP B 267 14.05 28.08 -13.49
N GLU B 268 15.21 28.74 -13.42
CA GLU B 268 16.48 28.04 -13.52
C GLU B 268 16.84 27.27 -12.26
N PHE B 269 16.28 27.67 -11.12
CA PHE B 269 16.70 27.11 -9.84
C PHE B 269 15.75 26.05 -9.29
N GLU B 270 14.48 26.05 -9.70
CA GLU B 270 13.54 25.06 -9.19
C GLU B 270 13.99 23.62 -9.42
N PRO B 271 14.37 23.19 -10.63
CA PRO B 271 14.75 21.77 -10.81
C PRO B 271 15.94 21.32 -9.98
N GLN B 272 16.65 22.25 -9.32
CA GLN B 272 17.78 21.91 -8.48
C GLN B 272 17.39 21.58 -7.05
N ILE B 273 16.12 21.79 -6.68
CA ILE B 273 15.69 21.53 -5.31
C ILE B 273 15.75 20.04 -5.01
N CYS B 274 15.20 19.19 -5.94
CA CYS B 274 15.19 17.75 -5.71
C CYS B 274 16.44 17.10 -6.30
N PRO B 275 16.85 15.97 -5.75
CA PRO B 275 17.81 15.11 -6.46
C PRO B 275 17.13 14.54 -7.70
N GLN B 276 17.93 14.33 -8.74
CA GLN B 276 17.37 14.05 -10.05
C GLN B 276 17.74 12.66 -10.55
N THR B 277 17.03 12.23 -11.59
CA THR B 277 17.35 11.01 -12.34
C THR B 277 18.36 11.26 -13.44
N LYS B 278 18.39 12.46 -14.01
CA LYS B 278 19.41 12.86 -14.97
C LYS B 278 20.63 13.37 -14.17
N ALA B 279 21.72 12.60 -14.20
CA ALA B 279 22.88 12.90 -13.36
C ALA B 279 23.61 14.17 -13.76
N SER B 280 23.39 14.65 -14.99
CA SER B 280 24.07 15.86 -15.45
C SER B 280 23.53 17.13 -14.79
N THR B 281 22.34 17.07 -14.19
CA THR B 281 21.75 18.24 -13.55
C THR B 281 22.31 18.37 -12.14
N LYS B 282 23.08 19.43 -11.91
CA LYS B 282 23.60 19.71 -10.58
C LYS B 282 22.46 20.08 -9.64
N SER B 283 22.33 19.33 -8.54
CA SER B 283 21.29 19.58 -7.56
C SER B 283 21.85 20.47 -6.44
N ALA B 284 21.00 21.34 -5.90
CA ALA B 284 21.43 22.28 -4.87
C ALA B 284 21.34 21.64 -3.49
N THR B 285 22.28 22.01 -2.64
CA THR B 285 22.26 21.54 -1.27
C THR B 285 21.20 22.30 -0.47
N SER B 286 20.85 21.72 0.68
CA SER B 286 19.87 22.34 1.57
C SER B 286 20.26 23.78 1.91
N SER B 287 21.54 24.04 2.15
CA SER B 287 21.96 25.39 2.49
C SER B 287 21.85 26.31 1.28
N GLU B 288 22.23 25.83 0.11
CA GLU B 288 22.07 26.62 -1.11
C GLU B 288 20.61 26.95 -1.37
N VAL B 289 19.70 26.03 -1.03
CA VAL B 289 18.28 26.33 -1.16
C VAL B 289 17.88 27.45 -0.21
N VAL B 290 18.41 27.42 1.03
CA VAL B 290 18.08 28.46 2.00
C VAL B 290 18.57 29.82 1.51
N VAL B 291 19.79 29.87 0.97
CA VAL B 291 20.34 31.14 0.51
C VAL B 291 19.48 31.71 -0.61
N GLU B 292 19.18 30.88 -1.62
CA GLU B 292 18.34 31.33 -2.74
C GLU B 292 16.94 31.67 -2.28
N PHE B 293 16.45 30.99 -1.25
CA PHE B 293 15.13 31.31 -0.70
C PHE B 293 15.16 32.71 -0.07
N LEU B 294 16.16 32.98 0.76
CA LEU B 294 16.25 34.28 1.41
C LEU B 294 16.47 35.38 0.39
N LYS B 295 17.27 35.10 -0.65
CA LYS B 295 17.44 36.08 -1.72
C LYS B 295 16.12 36.35 -2.44
N GLU B 296 15.37 35.29 -2.76
CA GLU B 296 14.07 35.47 -3.39
C GLU B 296 13.12 36.25 -2.48
N LEU B 297 13.18 35.97 -1.17
CA LEU B 297 12.33 36.68 -0.23
C LEU B 297 12.73 38.14 -0.12
N ALA B 298 14.04 38.44 -0.16
CA ALA B 298 14.51 39.82 -0.16
C ALA B 298 14.26 40.52 -1.49
N LYS B 299 14.14 39.75 -2.58
CA LYS B 299 13.82 40.34 -3.87
C LYS B 299 12.41 40.91 -3.88
N LYS B 300 11.50 40.35 -3.07
CA LYS B 300 10.13 40.87 -2.95
C LYS B 300 10.04 42.11 -2.08
N GLY B 301 11.07 42.38 -1.26
CA GLY B 301 11.17 43.66 -0.60
C GLY B 301 11.54 44.79 -1.54
N SER B 302 12.19 44.47 -2.66
CA SER B 302 12.45 45.47 -3.68
C SER B 302 11.22 45.77 -4.51
N LYS B 303 10.37 44.77 -4.74
CA LYS B 303 9.12 44.96 -5.48
C LYS B 303 7.94 45.22 -4.55
N MET C 2 -1.77 -19.74 -27.02
CA MET C 2 -1.39 -18.49 -27.65
C MET C 2 -0.06 -17.98 -27.12
N GLN C 3 0.76 -17.46 -28.03
CA GLN C 3 2.09 -16.96 -27.68
C GLN C 3 1.99 -15.53 -27.16
N THR C 4 2.72 -15.26 -26.08
CA THR C 4 2.82 -13.92 -25.53
C THR C 4 4.22 -13.37 -25.80
N ILE C 5 4.32 -12.04 -25.86
CA ILE C 5 5.57 -11.36 -26.19
C ILE C 5 5.92 -10.41 -25.05
N LYS C 6 7.00 -10.70 -24.33
CA LYS C 6 7.44 -9.87 -23.22
C LYS C 6 8.51 -8.90 -23.69
N CYS C 7 8.18 -7.61 -23.67
CA CYS C 7 9.06 -6.54 -24.13
C CYS C 7 9.46 -5.69 -22.95
N VAL C 8 10.76 -5.61 -22.69
CA VAL C 8 11.31 -4.89 -21.55
C VAL C 8 12.04 -3.65 -22.04
N VAL C 9 11.73 -2.51 -21.44
CA VAL C 9 12.29 -1.23 -21.85
C VAL C 9 13.35 -0.82 -20.84
N VAL C 10 14.59 -0.68 -21.31
CA VAL C 10 15.70 -0.26 -20.45
C VAL C 10 16.32 1.00 -21.05
N GLY C 11 17.18 1.63 -20.25
CA GLY C 11 17.86 2.83 -20.68
C GLY C 11 18.06 3.78 -19.53
N ASP C 12 18.90 4.80 -19.72
CA ASP C 12 19.19 5.76 -18.67
C ASP C 12 17.93 6.44 -18.17
N GLY C 13 18.00 6.96 -16.95
CA GLY C 13 16.88 7.69 -16.40
C GLY C 13 16.60 8.95 -17.19
N ALA C 14 15.31 9.29 -17.26
CA ALA C 14 14.82 10.51 -17.90
C ALA C 14 14.99 10.51 -19.42
N VAL C 15 15.12 9.34 -20.04
CA VAL C 15 15.16 9.30 -21.50
C VAL C 15 13.76 9.18 -22.10
N GLY C 16 12.74 8.93 -21.28
CA GLY C 16 11.38 8.84 -21.74
C GLY C 16 10.81 7.44 -21.83
N LYS C 17 11.33 6.49 -21.05
CA LYS C 17 10.84 5.12 -21.11
C LYS C 17 9.38 5.04 -20.65
N THR C 18 9.10 5.61 -19.47
CA THR C 18 7.73 5.55 -18.96
C THR C 18 6.77 6.31 -19.87
N CYS C 19 7.21 7.46 -20.41
CA CYS C 19 6.33 8.26 -21.24
C CYS C 19 6.04 7.58 -22.59
N LEU C 20 7.04 6.95 -23.18
CA LEU C 20 6.80 6.30 -24.46
C LEU C 20 5.89 5.09 -24.30
N LEU C 21 5.93 4.44 -23.13
CA LEU C 21 4.98 3.37 -22.85
C LEU C 21 3.57 3.90 -22.67
N ILE C 22 3.42 4.96 -21.87
CA ILE C 22 2.09 5.52 -21.63
C ILE C 22 1.50 6.09 -22.91
N SER C 23 2.30 6.83 -23.67
CA SER C 23 1.82 7.40 -24.93
C SER C 23 1.48 6.31 -25.94
N TYR C 24 2.13 5.15 -25.85
CA TYR C 24 1.84 4.07 -26.80
C TYR C 24 0.62 3.26 -26.36
N THR C 25 0.45 3.04 -25.06
CA THR C 25 -0.66 2.25 -24.57
C THR C 25 -1.94 3.05 -24.39
N THR C 26 -1.85 4.37 -24.20
CA THR C 26 -3.02 5.21 -23.98
C THR C 26 -3.28 6.23 -25.08
N ASN C 27 -2.38 6.34 -26.07
CA ASN C 27 -2.51 7.32 -27.15
C ASN C 27 -2.62 8.74 -26.61
N LYS C 28 -2.02 8.99 -25.46
CA LYS C 28 -1.99 10.33 -24.86
C LYS C 28 -0.64 10.47 -24.15
N PHE C 29 0.12 11.46 -24.54
CA PHE C 29 1.35 11.76 -23.81
C PHE C 29 1.01 12.20 -22.41
N PRO C 30 1.60 11.59 -21.37
CA PRO C 30 1.24 11.95 -19.99
C PRO C 30 1.65 13.38 -19.69
N SER C 31 0.67 14.19 -19.29
CA SER C 31 0.91 15.56 -18.89
C SER C 31 1.03 15.62 -17.37
N GLU C 32 2.19 16.09 -16.89
CA GLU C 32 2.48 16.27 -15.48
C GLU C 32 2.59 14.97 -14.67
N TYR C 33 3.83 14.54 -14.48
N TYR C 33 3.83 14.70 -14.24
CA TYR C 33 4.22 13.52 -13.52
CA TYR C 33 4.25 13.51 -13.48
C TYR C 33 3.79 12.12 -13.94
C TYR C 33 3.82 12.18 -14.10
N VAL C 34 4.80 11.28 -14.18
CA VAL C 34 4.57 9.91 -14.55
C VAL C 34 5.11 9.07 -13.39
N PRO C 35 4.67 7.83 -13.28
CA PRO C 35 5.30 6.94 -12.30
C PRO C 35 6.76 6.74 -12.64
N THR C 36 7.54 6.37 -11.61
CA THR C 36 8.93 6.01 -11.85
C THR C 36 9.03 4.85 -12.85
N VAL C 37 8.25 3.81 -12.61
CA VAL C 37 8.17 2.65 -13.48
C VAL C 37 6.72 2.51 -13.91
N PHE C 38 6.50 2.46 -15.21
CA PHE C 38 5.16 2.21 -15.74
C PHE C 38 4.67 0.85 -15.26
N ASP C 39 3.44 0.81 -14.76
CA ASP C 39 2.82 -0.46 -14.37
C ASP C 39 2.79 -1.40 -15.55
N ASN C 40 3.41 -2.58 -15.39
CA ASN C 40 3.51 -3.53 -16.50
C ASN C 40 2.13 -3.82 -17.08
N TYR C 41 2.04 -3.76 -18.40
CA TYR C 41 0.77 -3.74 -19.10
C TYR C 41 0.79 -4.78 -20.21
N ALA C 42 -0.38 -5.34 -20.51
CA ALA C 42 -0.53 -6.34 -21.55
C ALA C 42 -1.55 -5.86 -22.57
N VAL C 43 -1.18 -5.89 -23.84
CA VAL C 43 -2.06 -5.52 -24.94
C VAL C 43 -2.05 -6.63 -25.97
N THR C 44 -3.18 -6.83 -26.63
CA THR C 44 -3.30 -7.85 -27.67
C THR C 44 -3.06 -7.16 -29.01
N VAL C 45 -1.87 -7.39 -29.58
CA VAL C 45 -1.51 -6.84 -30.87
C VAL C 45 -1.76 -7.89 -31.94
N MET C 46 -2.06 -7.42 -33.15
CA MET C 46 -2.35 -8.29 -34.28
C MET C 46 -1.16 -8.28 -35.23
N ILE C 47 -0.59 -9.47 -35.48
CA ILE C 47 0.53 -9.64 -36.39
C ILE C 47 0.31 -10.92 -37.20
N GLY C 48 0.35 -10.80 -38.53
CA GLY C 48 0.12 -11.95 -39.37
C GLY C 48 -1.31 -12.41 -39.42
N GLY C 49 -2.26 -11.57 -39.02
CA GLY C 49 -3.67 -11.94 -38.97
C GLY C 49 -4.09 -12.62 -37.69
N GLU C 50 -3.16 -12.87 -36.78
CA GLU C 50 -3.43 -13.60 -35.56
C GLU C 50 -3.05 -12.76 -34.34
N PRO C 51 -3.70 -12.99 -33.21
CA PRO C 51 -3.43 -12.17 -32.02
C PRO C 51 -2.22 -12.65 -31.24
N TYR C 52 -1.50 -11.67 -30.69
CA TYR C 52 -0.37 -11.90 -29.79
C TYR C 52 -0.56 -11.04 -28.56
N THR C 53 -0.30 -11.61 -27.39
CA THR C 53 -0.28 -10.82 -26.17
C THR C 53 1.08 -10.15 -26.03
N LEU C 54 1.11 -8.83 -26.08
CA LEU C 54 2.33 -8.05 -25.93
C LEU C 54 2.45 -7.57 -24.50
N GLY C 55 3.48 -8.02 -23.79
CA GLY C 55 3.73 -7.60 -22.43
C GLY C 55 4.79 -6.52 -22.35
N LEU C 56 4.39 -5.33 -21.91
CA LEU C 56 5.30 -4.20 -21.85
C LEU C 56 5.75 -4.00 -20.40
N PHE C 57 7.07 -3.99 -20.20
CA PHE C 57 7.64 -3.87 -18.87
C PHE C 57 8.60 -2.68 -18.86
N ASP C 58 8.33 -1.74 -17.96
CA ASP C 58 9.22 -0.61 -17.74
C ASP C 58 10.23 -0.97 -16.66
N THR C 59 11.38 -0.31 -16.69
CA THR C 59 12.43 -0.51 -15.71
C THR C 59 12.89 0.83 -15.18
N ALA C 60 13.54 0.80 -14.03
CA ALA C 60 14.17 1.98 -13.44
C ALA C 60 15.64 2.00 -13.89
N GLY C 61 15.97 2.94 -14.75
CA GLY C 61 17.34 2.99 -15.26
C GLY C 61 18.35 3.50 -14.25
N GLN C 62 17.90 4.14 -13.19
CA GLN C 62 18.80 4.78 -12.23
C GLN C 62 19.76 3.74 -11.65
N GLU C 63 20.93 4.22 -11.23
CA GLU C 63 21.95 3.31 -10.72
C GLU C 63 21.49 2.63 -9.44
N ASP C 64 20.65 3.29 -8.65
CA ASP C 64 20.18 2.75 -7.38
C ASP C 64 19.45 1.43 -7.52
N TYR C 65 18.94 1.12 -8.72
CA TYR C 65 18.19 -0.11 -8.94
C TYR C 65 18.96 -1.11 -9.79
N ASP C 66 20.30 -1.05 -9.76
CA ASP C 66 21.10 -1.94 -10.60
C ASP C 66 20.98 -3.40 -10.16
N ARG C 67 20.81 -3.64 -8.87
CA ARG C 67 20.67 -5.02 -8.40
C ARG C 67 19.26 -5.57 -8.64
N LEU C 68 18.23 -4.72 -8.53
CA LEU C 68 16.86 -5.21 -8.63
C LEU C 68 16.40 -5.35 -10.08
N ARG C 69 16.86 -4.46 -10.94
CA ARG C 69 16.35 -4.39 -12.31
C ARG C 69 16.45 -5.71 -13.08
N PRO C 70 17.57 -6.45 -13.04
CA PRO C 70 17.64 -7.69 -13.84
C PRO C 70 16.63 -8.75 -13.45
N LEU C 71 16.11 -8.72 -12.23
CA LEU C 71 15.13 -9.71 -11.83
C LEU C 71 13.84 -9.63 -12.63
N SER C 72 13.68 -8.60 -13.46
CA SER C 72 12.55 -8.49 -14.37
C SER C 72 12.85 -9.06 -15.75
N TYR C 73 14.11 -9.35 -16.03
CA TYR C 73 14.55 -9.81 -17.34
C TYR C 73 14.18 -11.24 -17.69
N PRO C 74 14.04 -12.18 -16.75
CA PRO C 74 13.70 -13.55 -17.15
C PRO C 74 12.50 -13.61 -18.08
N GLN C 75 12.55 -14.60 -18.98
CA GLN C 75 11.53 -14.86 -20.01
C GLN C 75 11.22 -13.63 -20.86
N THR C 76 12.20 -12.75 -21.04
CA THR C 76 12.06 -11.61 -21.93
C THR C 76 12.28 -12.03 -23.38
N ASP C 77 11.44 -11.55 -24.28
CA ASP C 77 11.57 -11.87 -25.69
C ASP C 77 12.31 -10.82 -26.48
N VAL C 78 12.24 -9.55 -26.07
CA VAL C 78 12.89 -8.48 -26.81
C VAL C 78 13.12 -7.31 -25.85
N PHE C 79 14.26 -6.66 -26.01
CA PHE C 79 14.59 -5.49 -25.22
C PHE C 79 14.49 -4.24 -26.08
N LEU C 80 14.18 -3.12 -25.45
CA LEU C 80 14.23 -1.81 -26.09
C LEU C 80 15.29 -1.00 -25.33
N VAL C 81 16.52 -1.01 -25.83
CA VAL C 81 17.58 -0.21 -25.24
C VAL C 81 17.37 1.22 -25.69
N CYS C 82 16.91 2.08 -24.78
CA CYS C 82 16.53 3.44 -25.12
C CYS C 82 17.65 4.42 -24.78
N PHE C 83 17.75 5.46 -25.60
CA PHE C 83 18.55 6.63 -25.29
C PHE C 83 17.83 7.85 -25.86
N SER C 84 18.01 8.98 -25.19
CA SER C 84 17.47 10.23 -25.72
C SER C 84 18.38 10.79 -26.78
N VAL C 85 17.83 11.11 -27.96
CA VAL C 85 18.63 11.66 -29.03
C VAL C 85 19.19 13.02 -28.70
N VAL C 86 18.69 13.67 -27.64
CA VAL C 86 19.22 14.94 -27.18
C VAL C 86 19.98 14.77 -25.86
N SER C 87 20.35 13.55 -25.51
CA SER C 87 21.18 13.28 -24.32
C SER C 87 22.34 12.39 -24.73
N PRO C 88 23.50 12.98 -25.07
CA PRO C 88 24.65 12.16 -25.44
C PRO C 88 25.11 11.20 -24.36
N SER C 89 24.95 11.56 -23.08
CA SER C 89 25.37 10.64 -22.03
C SER C 89 24.52 9.37 -22.06
N SER C 90 23.21 9.51 -22.27
CA SER C 90 22.35 8.33 -22.36
C SER C 90 22.71 7.47 -23.55
N PHE C 91 23.11 8.10 -24.66
CA PHE C 91 23.61 7.33 -25.80
C PHE C 91 24.90 6.59 -25.45
N GLU C 92 25.83 7.27 -24.78
CA GLU C 92 27.08 6.62 -24.39
C GLU C 92 26.82 5.44 -23.48
N ASN C 93 25.84 5.56 -22.58
CA ASN C 93 25.54 4.49 -21.65
C ASN C 93 24.91 3.28 -22.33
N VAL C 94 24.40 3.44 -23.55
CA VAL C 94 23.95 2.28 -24.31
C VAL C 94 25.12 1.32 -24.52
N LYS C 95 26.24 1.85 -25.01
CA LYS C 95 27.42 1.02 -25.21
C LYS C 95 28.10 0.67 -23.89
N GLU C 96 28.05 1.57 -22.92
CA GLU C 96 28.85 1.41 -21.70
C GLU C 96 28.13 0.60 -20.63
N LYS C 97 26.80 0.58 -20.64
CA LYS C 97 26.08 -0.05 -19.55
C LYS C 97 24.99 -0.98 -20.05
N TRP C 98 24.05 -0.45 -20.84
CA TRP C 98 22.80 -1.16 -21.05
C TRP C 98 23.01 -2.41 -21.89
N VAL C 99 23.57 -2.26 -23.09
CA VAL C 99 23.83 -3.44 -23.92
C VAL C 99 24.69 -4.47 -23.21
N PRO C 100 25.75 -4.11 -22.47
CA PRO C 100 26.46 -5.13 -21.69
C PRO C 100 25.61 -5.80 -20.63
N GLU C 101 24.65 -5.07 -20.05
CA GLU C 101 23.82 -5.65 -18.99
C GLU C 101 22.88 -6.70 -19.55
N ILE C 102 22.09 -6.34 -20.57
CA ILE C 102 21.14 -7.30 -21.12
C ILE C 102 21.86 -8.46 -21.79
N THR C 103 23.05 -8.22 -22.34
CA THR C 103 23.81 -9.30 -22.95
C THR C 103 24.31 -10.27 -21.89
N HIS C 104 24.68 -9.76 -20.71
CA HIS C 104 25.10 -10.63 -19.63
C HIS C 104 23.95 -11.52 -19.16
N HIS C 105 22.79 -10.92 -18.90
CA HIS C 105 21.65 -11.67 -18.38
C HIS C 105 20.89 -12.42 -19.46
N CYS C 106 20.80 -11.86 -20.67
CA CYS C 106 20.02 -12.46 -21.77
C CYS C 106 20.87 -12.46 -23.03
N PRO C 107 21.81 -13.39 -23.13
CA PRO C 107 22.79 -13.34 -24.22
C PRO C 107 22.15 -13.43 -25.59
N LYS C 108 21.21 -14.35 -25.76
CA LYS C 108 20.62 -14.63 -27.06
C LYS C 108 19.20 -14.07 -27.17
N THR C 109 19.01 -12.87 -26.65
CA THR C 109 17.73 -12.19 -26.72
C THR C 109 17.87 -10.93 -27.56
N PRO C 110 17.07 -10.78 -28.61
CA PRO C 110 17.21 -9.62 -29.48
C PRO C 110 16.85 -8.33 -28.76
N PHE C 111 17.46 -7.24 -29.21
CA PHE C 111 17.20 -5.92 -28.66
C PHE C 111 17.27 -4.89 -29.78
N LEU C 112 16.49 -3.83 -29.63
CA LEU C 112 16.48 -2.71 -30.57
C LEU C 112 17.11 -1.50 -29.91
N LEU C 113 17.84 -0.72 -30.71
CA LEU C 113 18.31 0.57 -30.26
C LEU C 113 17.21 1.59 -30.56
N VAL C 114 16.69 2.23 -29.52
CA VAL C 114 15.53 3.11 -29.65
C VAL C 114 15.94 4.52 -29.26
N GLY C 115 16.00 5.41 -30.23
CA GLY C 115 16.24 6.81 -29.95
C GLY C 115 14.94 7.52 -29.62
N THR C 116 14.86 8.11 -28.44
CA THR C 116 13.62 8.72 -27.94
C THR C 116 13.70 10.24 -28.04
N GLN C 117 12.52 10.87 -27.92
CA GLN C 117 12.39 12.33 -27.88
C GLN C 117 12.91 12.98 -29.16
N ILE C 118 12.37 12.53 -30.29
CA ILE C 118 12.74 13.11 -31.59
C ILE C 118 12.41 14.59 -31.61
N ASP C 119 11.26 14.96 -31.08
CA ASP C 119 10.79 16.34 -31.17
C ASP C 119 11.79 17.32 -30.57
N LEU C 120 12.50 16.93 -29.52
CA LEU C 120 13.45 17.84 -28.91
C LEU C 120 14.68 18.06 -29.77
N ARG C 121 14.89 17.23 -30.80
CA ARG C 121 16.07 17.41 -31.65
C ARG C 121 15.99 18.71 -32.46
N ASP C 122 14.78 19.23 -32.66
CA ASP C 122 14.58 20.50 -33.33
C ASP C 122 14.21 21.61 -32.37
N ASP C 123 14.19 21.33 -31.07
CA ASP C 123 13.85 22.35 -30.08
C ASP C 123 15.02 23.32 -29.91
N PRO C 124 14.83 24.61 -30.17
CA PRO C 124 15.97 25.55 -30.03
C PRO C 124 16.53 25.60 -28.62
N SER C 125 15.67 25.55 -27.59
CA SER C 125 16.17 25.58 -26.22
C SER C 125 16.98 24.32 -25.92
N THR C 126 16.58 23.18 -26.48
CA THR C 126 17.36 21.96 -26.29
C THR C 126 18.69 22.03 -27.02
N ILE C 127 18.69 22.52 -28.27
CA ILE C 127 19.93 22.70 -29.00
C ILE C 127 20.84 23.67 -28.25
N GLU C 128 20.28 24.74 -27.69
CA GLU C 128 21.08 25.72 -26.97
C GLU C 128 21.71 25.10 -25.74
N LYS C 129 20.94 24.29 -25.00
CA LYS C 129 21.49 23.68 -23.78
C LYS C 129 22.60 22.69 -24.10
N LEU C 130 22.42 21.89 -25.15
CA LEU C 130 23.47 20.97 -25.56
C LEU C 130 24.73 21.72 -25.99
N ALA C 131 24.55 22.84 -26.69
CA ALA C 131 25.70 23.61 -27.16
C ALA C 131 26.50 24.19 -25.99
N LYS C 132 25.82 24.49 -24.88
CA LYS C 132 26.53 25.02 -23.71
C LYS C 132 27.65 24.08 -23.28
N ASN C 133 27.39 22.77 -23.32
CA ASN C 133 28.39 21.77 -22.99
C ASN C 133 29.16 21.29 -24.21
N LYS C 134 29.19 22.08 -25.29
CA LYS C 134 29.83 21.68 -26.55
C LYS C 134 29.33 20.31 -27.00
N GLN C 135 28.01 20.11 -26.88
CA GLN C 135 27.36 18.87 -27.28
C GLN C 135 26.31 19.15 -28.35
N LYS C 136 25.93 18.09 -29.05
CA LYS C 136 24.95 18.15 -30.13
C LYS C 136 24.12 16.89 -30.12
N PRO C 137 22.89 16.94 -30.64
CA PRO C 137 22.04 15.76 -30.66
C PRO C 137 22.65 14.61 -31.46
N ILE C 138 22.13 13.42 -31.22
CA ILE C 138 22.60 12.22 -31.92
C ILE C 138 21.83 12.09 -33.23
N THR C 139 22.57 12.08 -34.33
CA THR C 139 21.93 11.92 -35.63
C THR C 139 21.49 10.48 -35.81
N PRO C 140 20.48 10.23 -36.65
CA PRO C 140 20.11 8.85 -36.95
C PRO C 140 21.26 8.03 -37.52
N GLU C 141 22.13 8.65 -38.32
CA GLU C 141 23.26 7.91 -38.88
C GLU C 141 24.22 7.46 -37.78
N THR C 142 24.44 8.32 -36.79
CA THR C 142 25.35 7.97 -35.70
C THR C 142 24.81 6.80 -34.89
N ALA C 143 23.51 6.80 -34.62
CA ALA C 143 22.91 5.72 -33.83
C ALA C 143 22.81 4.43 -34.62
N GLU C 144 22.58 4.52 -35.94
CA GLU C 144 22.52 3.31 -36.77
C GLU C 144 23.85 2.59 -36.80
N LYS C 145 24.96 3.32 -36.75
CA LYS C 145 26.26 2.68 -36.71
C LYS C 145 26.49 1.96 -35.39
N LEU C 146 26.11 2.59 -34.28
CA LEU C 146 26.23 1.92 -32.99
C LEU C 146 25.33 0.69 -32.90
N ALA C 147 24.17 0.73 -33.55
CA ALA C 147 23.28 -0.43 -33.56
C ALA C 147 23.96 -1.62 -34.23
N ARG C 148 24.62 -1.39 -35.37
CA ARG C 148 25.35 -2.48 -36.01
C ARG C 148 26.56 -2.90 -35.18
N ASP C 149 27.27 -1.94 -34.58
CA ASP C 149 28.44 -2.26 -33.78
C ASP C 149 28.07 -3.13 -32.58
N LEU C 150 26.99 -2.79 -31.89
CA LEU C 150 26.56 -3.54 -30.72
C LEU C 150 25.64 -4.70 -31.05
N LYS C 151 25.56 -5.09 -32.32
CA LYS C 151 24.76 -6.23 -32.76
C LYS C 151 23.27 -6.03 -32.44
N ALA C 152 22.79 -4.80 -32.52
CA ALA C 152 21.37 -4.54 -32.36
C ALA C 152 20.63 -4.93 -33.62
N VAL C 153 19.37 -5.33 -33.44
CA VAL C 153 18.54 -5.71 -34.59
C VAL C 153 18.48 -4.57 -35.59
N LYS C 154 18.06 -3.39 -35.13
CA LYS C 154 18.07 -2.18 -35.94
C LYS C 154 17.91 -1.00 -35.01
N TYR C 155 18.05 0.18 -35.57
CA TYR C 155 17.82 1.43 -34.84
C TYR C 155 16.48 2.01 -35.27
N VAL C 156 15.59 2.19 -34.30
CA VAL C 156 14.31 2.85 -34.50
C VAL C 156 14.29 4.12 -33.66
N GLU C 157 13.39 5.02 -34.03
CA GLU C 157 13.34 6.35 -33.45
C GLU C 157 11.89 6.73 -33.20
N CYS C 158 11.65 7.46 -32.12
CA CYS C 158 10.29 7.84 -31.81
C CYS C 158 10.29 9.07 -30.94
N SER C 159 9.14 9.74 -30.90
CA SER C 159 8.89 10.86 -30.00
C SER C 159 7.61 10.56 -29.25
N ALA C 160 7.72 10.30 -27.94
CA ALA C 160 6.53 9.99 -27.17
C ALA C 160 5.54 11.15 -27.17
N LEU C 161 6.02 12.38 -27.32
CA LEU C 161 5.15 13.54 -27.30
C LEU C 161 4.28 13.61 -28.55
N THR C 162 4.89 13.48 -29.72
CA THR C 162 4.17 13.58 -30.98
C THR C 162 3.74 12.23 -31.53
N GLN C 163 4.13 11.15 -30.87
CA GLN C 163 3.83 9.78 -31.30
C GLN C 163 4.45 9.44 -32.65
N LYS C 164 5.34 10.27 -33.16
CA LYS C 164 5.99 10.01 -34.44
C LYS C 164 6.85 8.76 -34.33
N GLY C 165 6.59 7.78 -35.20
CA GLY C 165 7.29 6.52 -35.17
C GLY C 165 7.11 5.69 -33.93
N LEU C 166 6.23 6.10 -33.01
CA LEU C 166 6.02 5.34 -31.77
C LEU C 166 5.40 3.99 -32.06
N LYS C 167 4.35 3.96 -32.90
CA LYS C 167 3.75 2.69 -33.29
C LYS C 167 4.75 1.81 -34.04
N ASN C 168 5.65 2.43 -34.81
CA ASN C 168 6.62 1.65 -35.57
C ASN C 168 7.66 0.99 -34.66
N VAL C 169 7.98 1.62 -33.53
CA VAL C 169 8.99 1.07 -32.64
C VAL C 169 8.56 -0.30 -32.11
N PHE C 170 7.31 -0.40 -31.67
CA PHE C 170 6.81 -1.67 -31.15
C PHE C 170 6.50 -2.66 -32.25
N ASP C 171 6.18 -2.20 -33.47
CA ASP C 171 6.07 -3.12 -34.59
C ASP C 171 7.39 -3.83 -34.84
N GLU C 172 8.49 -3.08 -34.81
CA GLU C 172 9.80 -3.71 -34.99
C GLU C 172 10.17 -4.57 -33.78
N ALA C 173 9.69 -4.19 -32.60
CA ALA C 173 9.95 -5.00 -31.41
C ALA C 173 9.26 -6.35 -31.50
N ILE C 174 8.05 -6.38 -32.05
CA ILE C 174 7.34 -7.65 -32.21
C ILE C 174 8.02 -8.50 -33.26
N LEU C 175 8.44 -7.89 -34.37
CA LEU C 175 9.15 -8.61 -35.41
C LEU C 175 10.47 -9.18 -34.89
N ALA C 176 11.18 -8.41 -34.05
CA ALA C 176 12.42 -8.94 -33.49
C ALA C 176 12.14 -10.07 -32.51
N ALA C 177 11.02 -9.99 -31.78
CA ALA C 177 10.70 -11.02 -30.80
C ALA C 177 10.39 -12.37 -31.46
N LEU C 178 9.83 -12.34 -32.67
CA LEU C 178 9.54 -13.58 -33.40
C LEU C 178 10.80 -14.26 -33.92
N GLU C 179 11.92 -13.56 -33.95
CA GLU C 179 13.23 -14.23 -34.07
C GLU C 179 13.47 -15.03 -32.80
N PRO C 180 13.52 -16.37 -32.84
CA PRO C 180 13.47 -17.17 -31.60
C PRO C 180 14.63 -16.88 -30.66
N PRO C 181 14.34 -16.50 -29.40
CA PRO C 181 15.42 -16.28 -28.43
C PRO C 181 15.62 -17.46 -27.49
N GLU C 182 16.21 -17.21 -26.32
CA GLU C 182 16.54 -18.24 -25.35
C GLU C 182 16.42 -17.65 -23.95
N PRO C 183 16.32 -18.48 -22.92
CA PRO C 183 16.01 -17.96 -21.57
C PRO C 183 17.12 -17.11 -20.99
N LYS C 184 16.80 -16.48 -19.86
CA LYS C 184 17.64 -15.48 -19.21
C LYS C 184 18.17 -16.01 -17.88
N LYS C 185 19.15 -15.29 -17.34
CA LYS C 185 19.83 -15.69 -16.11
C LYS C 185 19.89 -14.50 -15.15
N SER C 186 19.73 -14.76 -13.85
CA SER C 186 19.81 -13.72 -12.85
C SER C 186 21.25 -13.40 -12.44
N ARG C 187 22.24 -13.95 -13.15
CA ARG C 187 23.67 -13.79 -12.88
C ARG C 187 24.08 -14.51 -11.60
N ARG C 188 23.19 -14.53 -10.61
CA ARG C 188 23.40 -15.22 -9.34
C ARG C 188 24.64 -14.69 -8.61
N CYS C 189 24.56 -13.41 -8.25
CA CYS C 189 25.65 -12.71 -7.59
C CYS C 189 25.42 -12.78 -6.09
N VAL C 190 25.91 -13.85 -5.47
CA VAL C 190 25.72 -14.02 -4.03
C VAL C 190 26.57 -12.99 -3.29
N LEU C 191 26.08 -12.55 -2.11
CA LEU C 191 26.79 -11.57 -1.30
C LEU C 191 27.10 -12.14 0.09
N LEU C 192 28.23 -11.72 0.65
CA LEU C 192 28.60 -11.93 2.05
C LEU C 192 28.73 -13.40 2.48
N MET D 2 -8.05 -10.01 -28.11
CA MET D 2 -8.91 -9.09 -28.84
C MET D 2 -10.23 -8.95 -28.08
N GLN D 3 -11.10 -9.95 -28.21
CA GLN D 3 -12.37 -9.95 -27.52
C GLN D 3 -12.17 -10.48 -26.10
N THR D 4 -12.67 -9.72 -25.12
CA THR D 4 -12.56 -10.09 -23.72
C THR D 4 -13.91 -10.52 -23.17
N ILE D 5 -13.89 -11.43 -22.20
CA ILE D 5 -15.09 -11.98 -21.60
C ILE D 5 -15.02 -11.73 -20.09
N LYS D 6 -15.88 -10.85 -19.59
CA LYS D 6 -15.88 -10.50 -18.18
C LYS D 6 -16.88 -11.36 -17.44
N CYS D 7 -16.40 -12.15 -16.50
CA CYS D 7 -17.23 -13.05 -15.70
C CYS D 7 -17.13 -12.63 -14.25
N VAL D 8 -18.26 -12.24 -13.67
CA VAL D 8 -18.33 -11.75 -12.30
C VAL D 8 -18.98 -12.82 -11.45
N VAL D 9 -18.39 -13.10 -10.30
CA VAL D 9 -18.86 -14.13 -9.40
C VAL D 9 -19.53 -13.46 -8.22
N VAL D 10 -20.84 -13.66 -8.08
CA VAL D 10 -21.59 -13.11 -6.96
C VAL D 10 -22.18 -14.26 -6.16
N GLY D 11 -22.76 -13.92 -5.03
CA GLY D 11 -23.36 -14.89 -4.14
C GLY D 11 -23.09 -14.57 -2.68
N ASP D 12 -23.82 -15.23 -1.79
CA ASP D 12 -23.66 -15.00 -0.35
C ASP D 12 -22.22 -15.21 0.07
N GLY D 13 -21.83 -14.53 1.15
CA GLY D 13 -20.51 -14.77 1.71
C GLY D 13 -20.38 -16.20 2.19
N ALA D 14 -19.15 -16.71 2.13
CA ALA D 14 -18.80 -18.03 2.65
C ALA D 14 -19.39 -19.17 1.82
N VAL D 15 -19.78 -18.92 0.56
CA VAL D 15 -20.23 -20.02 -0.29
C VAL D 15 -19.09 -20.62 -1.11
N GLY D 16 -17.93 -20.00 -1.15
CA GLY D 16 -16.79 -20.52 -1.86
C GLY D 16 -16.39 -19.77 -3.12
N LYS D 17 -16.84 -18.52 -3.28
CA LYS D 17 -16.56 -17.77 -4.51
C LYS D 17 -15.06 -17.62 -4.71
N THR D 18 -14.35 -17.13 -3.70
CA THR D 18 -12.91 -16.94 -3.79
C THR D 18 -12.19 -18.26 -4.01
N CYS D 19 -12.62 -19.31 -3.32
CA CYS D 19 -11.94 -20.60 -3.46
C CYS D 19 -12.17 -21.19 -4.83
N LEU D 20 -13.40 -21.12 -5.35
CA LEU D 20 -13.65 -21.69 -6.67
C LEU D 20 -12.89 -20.93 -7.76
N LEU D 21 -12.63 -19.64 -7.54
CA LEU D 21 -11.80 -18.89 -8.48
C LEU D 21 -10.33 -19.28 -8.37
N ILE D 22 -9.83 -19.41 -7.15
CA ILE D 22 -8.43 -19.80 -6.96
C ILE D 22 -8.22 -21.23 -7.43
N SER D 23 -9.14 -22.12 -7.07
CA SER D 23 -9.00 -23.52 -7.45
C SER D 23 -9.07 -23.69 -8.97
N TYR D 24 -9.84 -22.84 -9.65
CA TYR D 24 -9.93 -22.94 -11.10
C TYR D 24 -8.72 -22.33 -11.80
N THR D 25 -8.17 -21.26 -11.25
CA THR D 25 -7.05 -20.58 -11.87
C THR D 25 -5.70 -21.19 -11.51
N THR D 26 -5.60 -21.85 -10.35
CA THR D 26 -4.33 -22.42 -9.90
C THR D 26 -4.33 -23.94 -9.83
N ASN D 27 -5.47 -24.58 -10.04
CA ASN D 27 -5.62 -26.04 -9.91
C ASN D 27 -5.16 -26.55 -8.55
N LYS D 28 -5.31 -25.71 -7.52
CA LYS D 28 -4.94 -26.08 -6.16
C LYS D 28 -5.87 -25.35 -5.20
N PHE D 29 -6.65 -26.10 -4.44
CA PHE D 29 -7.56 -25.50 -3.48
C PHE D 29 -6.75 -24.80 -2.39
N PRO D 30 -7.03 -23.53 -2.11
CA PRO D 30 -6.25 -22.80 -1.09
C PRO D 30 -6.53 -23.34 0.30
N SER D 31 -5.45 -23.75 0.98
CA SER D 31 -5.56 -24.24 2.34
C SER D 31 -5.32 -23.15 3.37
N GLU D 32 -4.54 -22.13 3.02
CA GLU D 32 -4.27 -21.01 3.89
C GLU D 32 -5.49 -20.10 3.93
N TYR D 33 -5.40 -18.99 4.66
N TYR D 33 -5.39 -18.98 4.63
CA TYR D 33 -6.47 -18.00 4.71
CA TYR D 33 -6.48 -18.03 4.72
C TYR D 33 -6.58 -17.36 3.34
C TYR D 33 -6.61 -17.30 3.38
N VAL D 34 -7.74 -17.48 2.71
CA VAL D 34 -7.96 -16.87 1.39
C VAL D 34 -8.24 -15.37 1.52
N PRO D 35 -7.99 -14.62 0.45
CA PRO D 35 -8.34 -13.20 0.45
C PRO D 35 -9.85 -13.00 0.47
N THR D 36 -10.24 -11.83 1.00
CA THR D 36 -11.65 -11.43 0.97
C THR D 36 -12.19 -11.47 -0.45
N VAL D 37 -11.54 -10.75 -1.36
CA VAL D 37 -11.92 -10.73 -2.77
C VAL D 37 -10.70 -11.14 -3.59
N PHE D 38 -10.87 -12.20 -4.38
CA PHE D 38 -9.81 -12.66 -5.26
C PHE D 38 -9.38 -11.53 -6.19
N ASP D 39 -8.06 -11.34 -6.33
CA ASP D 39 -7.55 -10.33 -7.24
C ASP D 39 -8.00 -10.64 -8.66
N ASN D 40 -8.65 -9.66 -9.30
CA ASN D 40 -9.19 -9.87 -10.64
C ASN D 40 -8.12 -10.40 -11.58
N TYR D 41 -8.49 -11.40 -12.37
CA TYR D 41 -7.53 -12.22 -13.09
C TYR D 41 -7.96 -12.35 -14.54
N ALA D 42 -6.99 -12.39 -15.44
CA ALA D 42 -7.24 -12.49 -16.87
C ALA D 42 -6.47 -13.67 -17.43
N VAL D 43 -7.16 -14.54 -18.17
CA VAL D 43 -6.56 -15.65 -18.86
C VAL D 43 -7.07 -15.67 -20.30
N THR D 44 -6.20 -16.06 -21.23
CA THR D 44 -6.58 -16.23 -22.63
C THR D 44 -6.85 -17.72 -22.85
N VAL D 45 -8.14 -18.08 -22.92
CA VAL D 45 -8.55 -19.47 -23.03
C VAL D 45 -8.66 -19.86 -24.50
N MET D 46 -8.30 -21.10 -24.79
CA MET D 46 -8.33 -21.63 -26.15
C MET D 46 -9.48 -22.60 -26.39
N ILE D 47 -10.34 -22.81 -25.39
CA ILE D 47 -11.45 -23.75 -25.56
C ILE D 47 -12.37 -23.25 -26.66
N GLY D 48 -12.68 -24.12 -27.62
CA GLY D 48 -13.30 -23.74 -28.85
C GLY D 48 -12.28 -23.58 -29.96
N GLY D 49 -12.67 -22.79 -30.96
CA GLY D 49 -11.82 -22.57 -32.12
C GLY D 49 -10.97 -21.32 -32.07
N GLU D 50 -11.38 -20.35 -31.25
CA GLU D 50 -10.70 -19.07 -31.20
C GLU D 50 -10.27 -18.75 -29.77
N PRO D 51 -9.18 -17.99 -29.61
CA PRO D 51 -8.76 -17.57 -28.27
C PRO D 51 -9.60 -16.40 -27.77
N TYR D 52 -9.87 -16.40 -26.47
CA TYR D 52 -10.62 -15.32 -25.84
C TYR D 52 -9.98 -14.99 -24.50
N THR D 53 -9.94 -13.70 -24.18
CA THR D 53 -9.44 -13.24 -22.89
C THR D 53 -10.56 -13.32 -21.86
N LEU D 54 -10.39 -14.17 -20.85
CA LEU D 54 -11.39 -14.39 -19.83
C LEU D 54 -11.04 -13.59 -18.58
N GLY D 55 -11.89 -12.64 -18.21
CA GLY D 55 -11.66 -11.85 -17.02
C GLY D 55 -12.51 -12.32 -15.86
N LEU D 56 -11.88 -12.83 -14.82
CA LEU D 56 -12.57 -13.35 -13.66
C LEU D 56 -12.55 -12.32 -12.55
N PHE D 57 -13.72 -11.98 -12.03
CA PHE D 57 -13.87 -10.93 -11.04
C PHE D 57 -14.63 -11.47 -9.84
N ASP D 58 -14.00 -11.42 -8.67
CA ASP D 58 -14.62 -11.81 -7.41
C ASP D 58 -15.33 -10.61 -6.80
N THR D 59 -16.34 -10.88 -5.98
CA THR D 59 -17.10 -9.85 -5.30
C THR D 59 -17.20 -10.18 -3.82
N ALA D 60 -17.57 -9.16 -3.05
CA ALA D 60 -17.81 -9.31 -1.62
C ALA D 60 -19.31 -9.52 -1.43
N GLY D 61 -19.69 -10.75 -1.10
CA GLY D 61 -21.09 -11.06 -0.91
C GLY D 61 -21.68 -10.53 0.38
N GLN D 62 -20.83 -10.04 1.28
CA GLN D 62 -21.31 -9.57 2.58
C GLN D 62 -22.24 -8.38 2.40
N GLU D 63 -23.13 -8.19 3.37
CA GLU D 63 -24.10 -7.12 3.24
C GLU D 63 -23.42 -5.76 3.34
N ASP D 64 -22.27 -5.68 4.01
CA ASP D 64 -21.58 -4.41 4.19
C ASP D 64 -21.11 -3.79 2.87
N TYR D 65 -21.02 -4.58 1.80
CA TYR D 65 -20.49 -4.10 0.52
C TYR D 65 -21.60 -3.97 -0.53
N ASP D 66 -22.86 -3.87 -0.09
CA ASP D 66 -23.97 -3.80 -1.03
C ASP D 66 -23.91 -2.56 -1.92
N ARG D 67 -23.37 -1.45 -1.41
CA ARG D 67 -23.31 -0.22 -2.21
C ARG D 67 -22.15 -0.24 -3.19
N LEU D 68 -21.02 -0.81 -2.77
CA LEU D 68 -19.84 -0.80 -3.61
C LEU D 68 -19.89 -1.90 -4.66
N ARG D 69 -20.40 -3.08 -4.31
CA ARG D 69 -20.31 -4.24 -5.18
C ARG D 69 -20.82 -3.99 -6.60
N PRO D 70 -21.99 -3.38 -6.82
CA PRO D 70 -22.48 -3.23 -8.21
C PRO D 70 -21.63 -2.32 -9.07
N LEU D 71 -20.76 -1.50 -8.49
CA LEU D 71 -19.86 -0.70 -9.31
C LEU D 71 -18.87 -1.54 -10.10
N SER D 72 -18.75 -2.83 -9.79
CA SER D 72 -17.91 -3.73 -10.56
C SER D 72 -18.65 -4.40 -11.71
N TYR D 73 -19.97 -4.29 -11.74
CA TYR D 73 -20.83 -4.97 -12.71
C TYR D 73 -20.75 -4.40 -14.13
N PRO D 74 -20.49 -3.10 -14.34
CA PRO D 74 -20.44 -2.59 -15.71
C PRO D 74 -19.51 -3.40 -16.61
N GLN D 75 -19.96 -3.60 -17.85
CA GLN D 75 -19.20 -4.31 -18.87
C GLN D 75 -19.08 -5.80 -18.59
N THR D 76 -20.01 -6.35 -17.78
CA THR D 76 -20.00 -7.78 -17.48
C THR D 76 -20.68 -8.57 -18.59
N ASP D 77 -20.06 -9.67 -18.98
CA ASP D 77 -20.61 -10.52 -20.02
C ASP D 77 -21.38 -11.71 -19.48
N VAL D 78 -21.09 -12.16 -18.27
CA VAL D 78 -21.80 -13.29 -17.67
C VAL D 78 -21.59 -13.23 -16.16
N PHE D 79 -22.63 -13.61 -15.41
CA PHE D 79 -22.57 -13.68 -13.96
C PHE D 79 -22.59 -15.14 -13.51
N LEU D 80 -21.95 -15.40 -12.37
CA LEU D 80 -22.01 -16.71 -11.72
C LEU D 80 -22.67 -16.49 -10.36
N VAL D 81 -23.98 -16.67 -10.31
CA VAL D 81 -24.70 -16.57 -9.04
C VAL D 81 -24.46 -17.87 -8.28
N CYS D 82 -23.66 -17.79 -7.21
CA CYS D 82 -23.20 -18.96 -6.46
C CYS D 82 -23.96 -19.11 -5.15
N PHE D 83 -24.29 -20.35 -4.83
CA PHE D 83 -24.77 -20.72 -3.51
C PHE D 83 -24.13 -22.04 -3.13
N SER D 84 -24.00 -22.26 -1.83
CA SER D 84 -23.52 -23.54 -1.32
C SER D 84 -24.69 -24.50 -1.21
N VAL D 85 -24.56 -25.66 -1.88
CA VAL D 85 -25.62 -26.64 -1.89
C VAL D 85 -25.91 -27.20 -0.51
N VAL D 86 -25.04 -26.96 0.47
CA VAL D 86 -25.31 -27.32 1.85
C VAL D 86 -25.64 -26.10 2.69
N SER D 87 -26.04 -25.00 2.06
CA SER D 87 -26.44 -23.79 2.76
C SER D 87 -27.78 -23.33 2.21
N PRO D 88 -28.89 -23.77 2.81
CA PRO D 88 -30.20 -23.37 2.30
C PRO D 88 -30.42 -21.87 2.30
N SER D 89 -29.83 -21.14 3.26
CA SER D 89 -30.02 -19.69 3.28
C SER D 89 -29.37 -19.04 2.07
N SER D 90 -28.19 -19.51 1.67
CA SER D 90 -27.55 -18.97 0.47
C SER D 90 -28.34 -19.32 -0.78
N PHE D 91 -28.92 -20.52 -0.81
CA PHE D 91 -29.83 -20.86 -1.91
C PHE D 91 -31.02 -19.92 -1.92
N GLU D 92 -31.63 -19.68 -0.75
CA GLU D 92 -32.76 -18.77 -0.68
C GLU D 92 -32.37 -17.36 -1.09
N ASN D 93 -31.14 -16.94 -0.78
CA ASN D 93 -30.73 -15.59 -1.15
C ASN D 93 -30.48 -15.42 -2.64
N VAL D 94 -30.32 -16.52 -3.37
CA VAL D 94 -30.26 -16.42 -4.83
C VAL D 94 -31.53 -15.77 -5.36
N LYS D 95 -32.68 -16.26 -4.90
CA LYS D 95 -33.96 -15.68 -5.29
C LYS D 95 -34.23 -14.34 -4.61
N GLU D 96 -33.81 -14.20 -3.35
CA GLU D 96 -34.20 -13.04 -2.55
C GLU D 96 -33.30 -11.83 -2.79
N LYS D 97 -32.07 -12.05 -3.24
CA LYS D 97 -31.13 -10.94 -3.31
C LYS D 97 -30.34 -10.93 -4.61
N TRP D 98 -29.67 -12.05 -4.92
CA TRP D 98 -28.60 -11.99 -5.89
C TRP D 98 -29.13 -11.86 -7.31
N VAL D 99 -30.04 -12.74 -7.72
CA VAL D 99 -30.66 -12.60 -9.03
C VAL D 99 -31.38 -11.25 -9.16
N PRO D 100 -32.18 -10.79 -8.19
CA PRO D 100 -32.71 -9.42 -8.33
C PRO D 100 -31.64 -8.36 -8.44
N GLU D 101 -30.48 -8.54 -7.82
CA GLU D 101 -29.45 -7.51 -7.86
C GLU D 101 -28.82 -7.40 -9.25
N ILE D 102 -28.34 -8.52 -9.79
CA ILE D 102 -27.72 -8.46 -11.11
C ILE D 102 -28.76 -8.12 -12.17
N THR D 103 -30.01 -8.55 -11.99
CA THR D 103 -31.03 -8.19 -12.96
C THR D 103 -31.33 -6.70 -12.93
N HIS D 104 -31.21 -6.07 -11.76
CA HIS D 104 -31.45 -4.63 -11.66
C HIS D 104 -30.34 -3.85 -12.34
N HIS D 105 -29.09 -4.25 -12.13
CA HIS D 105 -27.99 -3.51 -12.70
C HIS D 105 -27.68 -3.93 -14.12
N CYS D 106 -27.85 -5.21 -14.46
CA CYS D 106 -27.53 -5.73 -15.78
C CYS D 106 -28.70 -6.57 -16.26
N PRO D 107 -29.74 -5.91 -16.78
CA PRO D 107 -30.97 -6.64 -17.11
C PRO D 107 -30.77 -7.69 -18.19
N LYS D 108 -30.05 -7.36 -19.25
CA LYS D 108 -29.88 -8.28 -20.38
C LYS D 108 -28.52 -8.95 -20.37
N THR D 109 -28.02 -9.34 -19.19
CA THR D 109 -26.78 -10.04 -19.05
C THR D 109 -27.04 -11.46 -18.57
N PRO D 110 -26.57 -12.49 -19.28
CA PRO D 110 -26.85 -13.85 -18.85
C PRO D 110 -26.12 -14.20 -17.56
N PHE D 111 -26.71 -15.12 -16.79
CA PHE D 111 -26.09 -15.60 -15.58
C PHE D 111 -26.33 -17.09 -15.42
N LEU D 112 -25.41 -17.74 -14.73
CA LEU D 112 -25.51 -19.15 -14.40
C LEU D 112 -25.77 -19.32 -12.91
N LEU D 113 -26.61 -20.28 -12.57
CA LEU D 113 -26.79 -20.69 -11.19
C LEU D 113 -25.73 -21.75 -10.90
N VAL D 114 -24.81 -21.44 -9.99
CA VAL D 114 -23.67 -22.29 -9.70
C VAL D 114 -23.79 -22.77 -8.25
N GLY D 115 -24.13 -24.04 -8.07
CA GLY D 115 -24.09 -24.64 -6.74
C GLY D 115 -22.66 -25.01 -6.39
N THR D 116 -22.20 -24.54 -5.24
CA THR D 116 -20.82 -24.76 -4.80
C THR D 116 -20.79 -25.80 -3.69
N GLN D 117 -19.59 -26.34 -3.46
CA GLN D 117 -19.29 -27.26 -2.36
C GLN D 117 -20.11 -28.55 -2.48
N ILE D 118 -19.96 -29.22 -3.62
CA ILE D 118 -20.64 -30.49 -3.86
C ILE D 118 -20.21 -31.53 -2.83
N ASP D 119 -18.93 -31.55 -2.48
CA ASP D 119 -18.39 -32.61 -1.64
C ASP D 119 -19.11 -32.68 -0.30
N LEU D 120 -19.68 -31.57 0.17
CA LEU D 120 -20.37 -31.57 1.44
C LEU D 120 -21.80 -32.12 1.36
N ARG D 121 -22.32 -32.36 0.16
CA ARG D 121 -23.70 -32.83 0.05
C ARG D 121 -23.88 -34.20 0.68
N ASP D 122 -22.83 -35.03 0.67
CA ASP D 122 -22.86 -36.36 1.27
C ASP D 122 -22.03 -36.45 2.54
N ASP D 123 -21.54 -35.33 3.05
CA ASP D 123 -20.79 -35.35 4.30
C ASP D 123 -21.74 -35.62 5.46
N PRO D 124 -21.58 -36.72 6.19
CA PRO D 124 -22.53 -37.03 7.29
C PRO D 124 -22.59 -35.94 8.33
N SER D 125 -21.45 -35.34 8.69
CA SER D 125 -21.49 -34.28 9.69
C SER D 125 -22.25 -33.07 9.17
N THR D 126 -22.11 -32.77 7.87
CA THR D 126 -22.84 -31.66 7.30
C THR D 126 -24.33 -31.94 7.24
N ILE D 127 -24.71 -33.15 6.82
CA ILE D 127 -26.12 -33.54 6.76
C ILE D 127 -26.72 -33.54 8.16
N GLU D 128 -25.98 -34.08 9.14
CA GLU D 128 -26.47 -34.11 10.51
C GLU D 128 -26.67 -32.70 11.06
N LYS D 129 -25.74 -31.79 10.76
CA LYS D 129 -25.87 -30.40 11.19
C LYS D 129 -27.09 -29.73 10.58
N LEU D 130 -27.32 -29.95 9.28
CA LEU D 130 -28.50 -29.39 8.63
C LEU D 130 -29.78 -30.01 9.18
N ALA D 131 -29.76 -31.32 9.44
CA ALA D 131 -30.96 -32.00 9.93
C ALA D 131 -31.35 -31.50 11.32
N LYS D 132 -30.40 -31.03 12.11
CA LYS D 132 -30.74 -30.45 13.41
C LYS D 132 -31.63 -29.23 13.25
N ASN D 133 -31.38 -28.42 12.22
CA ASN D 133 -32.22 -27.26 11.92
C ASN D 133 -33.35 -27.60 10.97
N LYS D 134 -33.73 -28.88 10.87
CA LYS D 134 -34.75 -29.34 9.94
C LYS D 134 -34.49 -28.83 8.53
N GLN D 135 -33.23 -28.88 8.12
CA GLN D 135 -32.84 -28.52 6.77
C GLN D 135 -32.14 -29.70 6.11
N LYS D 136 -31.95 -29.60 4.80
CA LYS D 136 -31.30 -30.65 4.03
C LYS D 136 -30.56 -29.98 2.88
N PRO D 137 -29.53 -30.65 2.34
CA PRO D 137 -28.80 -30.07 1.22
C PRO D 137 -29.71 -29.81 0.02
N ILE D 138 -29.26 -28.91 -0.84
CA ILE D 138 -30.00 -28.58 -2.05
C ILE D 138 -29.67 -29.63 -3.11
N THR D 139 -30.69 -30.36 -3.57
CA THR D 139 -30.51 -31.32 -4.63
C THR D 139 -30.37 -30.61 -5.98
N PRO D 140 -29.72 -31.24 -6.96
CA PRO D 140 -29.66 -30.63 -8.30
C PRO D 140 -31.02 -30.36 -8.89
N GLU D 141 -32.00 -31.25 -8.66
CA GLU D 141 -33.33 -31.03 -9.21
C GLU D 141 -33.96 -29.77 -8.64
N THR D 142 -33.79 -29.53 -7.33
CA THR D 142 -34.35 -28.33 -6.72
C THR D 142 -33.71 -27.06 -7.28
N ALA D 143 -32.39 -27.07 -7.50
CA ALA D 143 -31.72 -25.90 -8.04
C ALA D 143 -32.03 -25.70 -9.52
N GLU D 144 -32.11 -26.80 -10.27
CA GLU D 144 -32.51 -26.69 -11.68
C GLU D 144 -33.86 -26.01 -11.82
N LYS D 145 -34.82 -26.39 -10.99
CA LYS D 145 -36.11 -25.71 -10.98
C LYS D 145 -35.96 -24.24 -10.65
N LEU D 146 -35.17 -23.92 -9.63
CA LEU D 146 -34.98 -22.54 -9.25
C LEU D 146 -34.29 -21.75 -10.36
N ALA D 147 -33.37 -22.40 -11.10
CA ALA D 147 -32.69 -21.71 -12.18
C ALA D 147 -33.66 -21.36 -13.31
N ARG D 148 -34.54 -22.29 -13.67
CA ARG D 148 -35.50 -22.02 -14.73
C ARG D 148 -36.50 -20.95 -14.30
N ASP D 149 -36.91 -20.95 -13.03
CA ASP D 149 -37.87 -19.95 -12.56
C ASP D 149 -37.28 -18.55 -12.64
N LEU D 150 -36.02 -18.39 -12.25
CA LEU D 150 -35.37 -17.09 -12.25
C LEU D 150 -34.76 -16.76 -13.61
N LYS D 151 -35.09 -17.52 -14.65
CA LYS D 151 -34.60 -17.28 -16.01
C LYS D 151 -33.07 -17.37 -16.08
N ALA D 152 -32.46 -18.23 -15.28
CA ALA D 152 -31.04 -18.50 -15.42
C ALA D 152 -30.79 -19.26 -16.71
N VAL D 153 -29.56 -19.12 -17.24
CA VAL D 153 -29.19 -19.88 -18.42
C VAL D 153 -29.28 -21.37 -18.13
N LYS D 154 -28.63 -21.82 -17.06
CA LYS D 154 -28.67 -23.20 -16.62
C LYS D 154 -28.14 -23.27 -15.21
N TYR D 155 -28.38 -24.39 -14.55
CA TYR D 155 -27.80 -24.68 -13.26
C TYR D 155 -26.62 -25.62 -13.44
N VAL D 156 -25.45 -25.19 -12.98
CA VAL D 156 -24.27 -26.04 -12.91
C VAL D 156 -23.82 -26.09 -11.46
N GLU D 157 -23.04 -27.11 -11.12
CA GLU D 157 -22.53 -27.23 -9.78
C GLU D 157 -21.12 -27.79 -9.80
N CYS D 158 -20.32 -27.37 -8.82
CA CYS D 158 -18.92 -27.71 -8.76
C CYS D 158 -18.48 -27.76 -7.31
N SER D 159 -17.31 -28.37 -7.09
CA SER D 159 -16.64 -28.36 -5.79
C SER D 159 -15.23 -27.83 -6.02
N ALA D 160 -14.93 -26.67 -5.44
CA ALA D 160 -13.58 -26.12 -5.55
C ALA D 160 -12.55 -27.05 -4.93
N LEU D 161 -12.97 -27.85 -3.94
CA LEU D 161 -12.03 -28.73 -3.27
C LEU D 161 -11.60 -29.87 -4.19
N THR D 162 -12.56 -30.58 -4.78
CA THR D 162 -12.25 -31.73 -5.62
C THR D 162 -12.19 -31.39 -7.12
N GLN D 163 -12.49 -30.14 -7.50
CA GLN D 163 -12.48 -29.67 -8.88
C GLN D 163 -13.51 -30.38 -9.75
N LYS D 164 -14.41 -31.16 -9.16
CA LYS D 164 -15.45 -31.84 -9.92
C LYS D 164 -16.40 -30.81 -10.51
N GLY D 165 -16.53 -30.82 -11.84
CA GLY D 165 -17.34 -29.86 -12.54
C GLY D 165 -16.87 -28.43 -12.48
N LEU D 166 -15.70 -28.18 -11.89
CA LEU D 166 -15.21 -26.81 -11.78
C LEU D 166 -14.86 -26.26 -13.16
N LYS D 167 -14.12 -27.04 -13.96
CA LYS D 167 -13.76 -26.59 -15.30
C LYS D 167 -15.00 -26.40 -16.17
N ASN D 168 -16.04 -27.19 -15.93
CA ASN D 168 -17.25 -27.06 -16.74
C ASN D 168 -18.01 -25.77 -16.39
N VAL D 169 -17.89 -25.30 -15.14
CA VAL D 169 -18.63 -24.11 -14.73
C VAL D 169 -18.17 -22.90 -15.54
N PHE D 170 -16.85 -22.74 -15.69
CA PHE D 170 -16.35 -21.63 -16.47
C PHE D 170 -16.46 -21.86 -17.97
N ASP D 171 -16.48 -23.11 -18.41
CA ASP D 171 -16.77 -23.38 -19.81
C ASP D 171 -18.16 -22.88 -20.18
N GLU D 172 -19.16 -23.22 -19.36
CA GLU D 172 -20.53 -22.81 -19.66
C GLU D 172 -20.70 -21.30 -19.54
N ALA D 173 -19.97 -20.66 -18.63
CA ALA D 173 -20.02 -19.21 -18.52
C ALA D 173 -19.49 -18.53 -19.78
N ILE D 174 -18.42 -19.09 -20.37
CA ILE D 174 -17.92 -18.54 -21.64
C ILE D 174 -18.92 -18.78 -22.76
N LEU D 175 -19.50 -19.98 -22.81
CA LEU D 175 -20.51 -20.26 -23.82
C LEU D 175 -21.72 -19.35 -23.64
N ALA D 176 -22.10 -19.07 -22.39
CA ALA D 176 -23.26 -18.22 -22.15
C ALA D 176 -23.01 -16.79 -22.58
N ALA D 177 -21.77 -16.33 -22.42
CA ALA D 177 -21.42 -14.98 -22.84
C ALA D 177 -21.29 -14.87 -24.35
N LEU D 178 -20.70 -15.89 -24.98
CA LEU D 178 -20.49 -15.84 -26.43
C LEU D 178 -21.78 -16.06 -27.21
N GLU D 179 -22.72 -16.82 -26.65
CA GLU D 179 -23.99 -17.13 -27.31
C GLU D 179 -25.12 -16.89 -26.32
N PRO D 180 -25.57 -15.64 -26.17
CA PRO D 180 -26.65 -15.27 -25.23
C PRO D 180 -27.97 -15.96 -25.55
#